data_5MRV
#
_entry.id   5MRV
#
_cell.length_a   150.114
_cell.length_b   72.144
_cell.length_c   90.187
_cell.angle_alpha   90.00
_cell.angle_beta   94.66
_cell.angle_gamma   90.00
#
_symmetry.space_group_name_H-M   'C 1 2 1'
#
loop_
_entity.id
_entity.type
_entity.pdbx_description
1 polymer 'Carboxypeptidase O'
2 polymer 'Metallocarboxypeptidase inhibitor'
3 non-polymer 'ZINC ION'
4 non-polymer 2-acetamido-2-deoxy-beta-D-glucopyranose
5 water water
#
loop_
_entity_poly.entity_id
_entity_poly.type
_entity_poly.pdbx_seq_one_letter_code
_entity_poly.pdbx_strand_id
1 'polypeptide(L)'
;EVQASWSHPQFEKGADDDDKVPDPKLYDRSLAQHRQEIVDKSVSPWSLETYSYNIYHPMGEIYEWMREISEKYKEVVTQH
FLGVTYETHPIYYLKISQPSGNPKKIIWMDCGIHAREWIAPAFCQWFVKEILQNHKDNSRIRKLLRNLDFYVLPVLNIDG
YIYTWTTDRLWRKSRSPHNNGTCFGTDLNRNFNASWCSIGASRNCQDQTFCGTGPVSEPETKAVASFIESKKDDILCFLT
MHSYGQLILTPYGYTKNKSSNHPEMIQVGQKAANALKAKYGTNYRVGSSADILYASSGSSRDWARDIGIPFSYTFELRDS
GTYGFVLPEAQIQPTCEETMEAVLSVLDDVYAKHW
;
A,B
2 'polypeptide(L)' FHVPDDRPCINPGRCPLVPDATCTFVCKAADNDFGYECQHVWTFEGQRVGCYA C
#
loop_
_chem_comp.id
_chem_comp.type
_chem_comp.name
_chem_comp.formula
NAG D-saccharide, beta linking 2-acetamido-2-deoxy-beta-D-glucopyranose 'C8 H15 N O6'
ZN non-polymer 'ZINC ION' 'Zn 2'
#
# COMPACT_ATOMS: atom_id res chain seq x y z
N GLU A 49 21.17 0.36 -3.63
CA GLU A 49 20.15 -0.42 -4.29
C GLU A 49 20.50 -0.70 -5.72
N THR A 50 19.78 -1.64 -6.27
CA THR A 50 19.83 -1.98 -7.65
C THR A 50 18.45 -1.56 -8.27
N TYR A 51 17.77 -0.57 -7.69
CA TYR A 51 16.50 -0.11 -8.23
C TYR A 51 16.73 0.79 -9.43
N SER A 52 16.23 0.40 -10.57
CA SER A 52 16.38 1.21 -11.74
C SER A 52 15.35 2.31 -11.89
N TYR A 53 15.80 3.54 -12.04
CA TYR A 53 14.89 4.64 -12.28
C TYR A 53 14.62 4.86 -13.76
N ASN A 54 15.08 3.95 -14.61
CA ASN A 54 14.97 4.09 -16.05
C ASN A 54 13.90 3.16 -16.64
N ILE A 55 13.08 2.53 -15.79
CA ILE A 55 12.03 1.63 -16.22
C ILE A 55 10.80 1.94 -15.39
N TYR A 56 9.65 1.51 -15.90
CA TYR A 56 8.40 1.65 -15.14
C TYR A 56 8.27 0.53 -14.12
N HIS A 57 7.73 0.87 -12.95
CA HIS A 57 7.61 -0.06 -11.85
C HIS A 57 6.14 -0.28 -11.51
N PRO A 58 5.73 -1.53 -11.32
CA PRO A 58 4.39 -1.80 -10.79
C PRO A 58 4.31 -1.41 -9.33
N MET A 59 3.07 -1.36 -8.80
CA MET A 59 2.87 -0.71 -7.51
C MET A 59 3.62 -1.43 -6.38
N GLY A 60 3.69 -2.76 -6.44
CA GLY A 60 4.38 -3.48 -5.38
C GLY A 60 5.83 -3.07 -5.25
N GLU A 61 6.50 -2.89 -6.38
CA GLU A 61 7.87 -2.39 -6.36
C GLU A 61 7.95 -0.96 -5.81
N ILE A 62 6.93 -0.13 -6.04
CA ILE A 62 6.95 1.23 -5.51
C ILE A 62 6.74 1.22 -4.00
N TYR A 63 5.84 0.35 -3.50
CA TYR A 63 5.69 0.21 -2.06
C TYR A 63 7.02 -0.16 -1.41
N GLU A 64 7.73 -1.12 -1.99
CA GLU A 64 9.00 -1.55 -1.45
C GLU A 64 10.04 -0.42 -1.55
N TRP A 65 10.03 0.31 -2.66
CA TRP A 65 10.97 1.44 -2.84
C TRP A 65 10.77 2.50 -1.77
N MET A 66 9.51 2.89 -1.51
CA MET A 66 9.25 3.88 -0.48
C MET A 66 9.80 3.45 0.87
N ARG A 67 9.59 2.18 1.21
CA ARG A 67 10.07 1.64 2.47
C ARG A 67 11.59 1.59 2.58
N GLU A 68 12.25 1.25 1.47
CA GLU A 68 13.70 1.16 1.46
C GLU A 68 14.34 2.54 1.42
N ILE A 69 13.83 3.43 0.59
CA ILE A 69 14.40 4.76 0.53
C ILE A 69 14.22 5.48 1.85
N SER A 70 13.11 5.26 2.52
CA SER A 70 12.85 5.88 3.81
C SER A 70 13.84 5.45 4.88
N GLU A 71 14.24 4.21 4.87
CA GLU A 71 15.18 3.76 5.87
C GLU A 71 16.61 4.17 5.56
N LYS A 72 16.99 4.09 4.32
CA LYS A 72 18.32 4.48 3.91
C LYS A 72 18.60 5.96 4.12
N TYR A 73 17.59 6.79 4.01
CA TYR A 73 17.72 8.24 4.18
C TYR A 73 16.93 8.74 5.37
N LYS A 74 16.86 7.90 6.39
CA LYS A 74 16.08 8.19 7.52
C LYS A 74 16.36 9.48 8.25
N GLU A 75 17.52 10.06 8.05
CA GLU A 75 17.84 11.30 8.70
C GLU A 75 17.09 12.50 8.06
N VAL A 76 16.67 12.37 6.82
CA VAL A 76 16.02 13.46 6.11
C VAL A 76 14.70 13.07 5.47
N VAL A 77 14.26 11.82 5.56
CA VAL A 77 12.99 11.45 4.91
C VAL A 77 12.13 10.61 5.85
N THR A 78 10.83 10.90 5.88
CA THR A 78 9.86 10.08 6.59
C THR A 78 8.69 9.76 5.66
N GLN A 79 8.03 8.63 5.91
CA GLN A 79 6.91 8.17 5.11
C GLN A 79 5.66 8.26 5.97
N HIS A 80 4.61 8.86 5.42
CA HIS A 80 3.42 9.17 6.20
C HIS A 80 2.20 8.59 5.51
N PHE A 81 1.29 8.08 6.32
CA PHE A 81 0.05 7.51 5.82
C PHE A 81 -0.96 8.63 5.59
N LEU A 82 -1.53 8.69 4.39
CA LEU A 82 -2.59 9.66 4.11
C LEU A 82 -3.98 9.07 4.23
N GLY A 83 -4.14 7.79 3.95
CA GLY A 83 -5.45 7.21 3.81
C GLY A 83 -5.35 5.97 2.94
N VAL A 84 -6.49 5.38 2.66
CA VAL A 84 -6.52 4.21 1.80
C VAL A 84 -7.44 4.49 0.62
N THR A 85 -7.14 3.84 -0.51
CA THR A 85 -7.97 3.90 -1.69
C THR A 85 -9.28 3.18 -1.43
N TYR A 86 -10.13 3.15 -2.45
CA TYR A 86 -11.39 2.41 -2.32
C TYR A 86 -11.11 0.93 -2.03
N GLU A 87 -10.09 0.36 -2.66
CA GLU A 87 -9.74 -1.04 -2.51
C GLU A 87 -8.77 -1.30 -1.35
N THR A 88 -8.63 -0.32 -0.45
CA THR A 88 -7.84 -0.45 0.78
C THR A 88 -6.35 -0.63 0.48
N HIS A 89 -5.89 0.05 -0.57
CA HIS A 89 -4.43 0.18 -0.77
C HIS A 89 -3.95 1.44 -0.06
N PRO A 90 -2.90 1.35 0.75
CA PRO A 90 -2.48 2.52 1.51
C PRO A 90 -1.83 3.57 0.61
N ILE A 91 -2.17 4.83 0.85
CA ILE A 91 -1.65 5.99 0.14
C ILE A 91 -0.68 6.69 1.06
N TYR A 92 0.56 6.81 0.64
CA TYR A 92 1.58 7.47 1.44
C TYR A 92 2.18 8.66 0.70
N TYR A 93 2.71 9.63 1.47
CA TYR A 93 3.66 10.57 0.90
C TYR A 93 4.98 10.46 1.63
N LEU A 94 6.03 10.89 0.93
CA LEU A 94 7.37 11.03 1.48
C LEU A 94 7.61 12.49 1.79
N LYS A 95 8.08 12.76 3.01
CA LYS A 95 8.42 14.11 3.44
C LYS A 95 9.94 14.19 3.50
N ILE A 96 10.53 15.07 2.69
CA ILE A 96 11.96 15.31 2.72
C ILE A 96 12.18 16.60 3.49
N SER A 97 12.91 16.50 4.60
CA SER A 97 13.11 17.65 5.47
C SER A 97 14.48 17.54 6.13
N GLN A 98 15.33 18.54 5.91
CA GLN A 98 16.61 18.61 6.60
C GLN A 98 16.36 19.26 7.95
N PRO A 99 16.50 18.53 9.06
CA PRO A 99 16.11 19.09 10.35
C PRO A 99 16.93 20.31 10.70
N SER A 100 16.28 21.27 11.34
CA SER A 100 16.91 22.53 11.73
C SER A 100 15.92 23.30 12.60
N GLY A 101 16.31 24.51 12.99
CA GLY A 101 15.44 25.34 13.79
C GLY A 101 14.55 26.27 12.97
N ASN A 102 14.89 26.44 11.69
CA ASN A 102 14.11 27.31 10.82
C ASN A 102 12.69 26.75 10.64
N PRO A 103 11.67 27.59 10.66
CA PRO A 103 10.35 27.14 10.20
C PRO A 103 10.42 26.87 8.70
N LYS A 104 9.71 25.83 8.29
CA LYS A 104 9.78 25.36 6.90
C LYS A 104 8.48 25.71 6.18
N LYS A 105 8.62 26.16 4.94
CA LYS A 105 7.50 26.18 4.01
C LYS A 105 7.53 24.90 3.18
N ILE A 106 6.40 24.59 2.54
CA ILE A 106 6.19 23.27 1.96
C ILE A 106 6.07 23.36 0.44
N ILE A 107 6.74 22.45 -0.24
CA ILE A 107 6.52 22.17 -1.65
C ILE A 107 5.78 20.83 -1.75
N TRP A 108 4.60 20.85 -2.35
CA TRP A 108 3.83 19.62 -2.56
C TRP A 108 3.96 19.19 -4.01
N MET A 109 4.22 17.91 -4.24
CA MET A 109 4.19 17.34 -5.59
C MET A 109 3.47 16.01 -5.55
N ASP A 110 2.50 15.83 -6.43
CA ASP A 110 1.87 14.52 -6.53
C ASP A 110 1.90 14.06 -7.98
N CYS A 111 1.96 12.74 -8.15
CA CYS A 111 1.96 12.08 -9.44
C CYS A 111 0.90 10.99 -9.48
N GLY A 112 0.50 10.62 -10.68
CA GLY A 112 -0.38 9.47 -10.86
C GLY A 112 -1.80 9.65 -10.37
N ILE A 113 -2.36 10.86 -10.51
CA ILE A 113 -3.80 10.95 -10.24
C ILE A 113 -4.58 10.24 -11.34
N HIS A 114 -4.01 10.18 -12.54
CA HIS A 114 -4.60 9.48 -13.67
C HIS A 114 -3.76 8.24 -13.97
N ALA A 115 -4.41 7.09 -13.98
CA ALA A 115 -3.73 5.80 -13.84
C ALA A 115 -2.78 5.51 -15.01
N ARG A 116 -3.18 5.87 -16.23
CA ARG A 116 -2.43 5.49 -17.40
C ARG A 116 -1.20 6.37 -17.62
N GLU A 117 -1.03 7.44 -16.86
CA GLU A 117 0.05 8.42 -17.10
C GLU A 117 1.33 7.97 -16.39
N TRP A 118 1.89 6.86 -16.88
CA TRP A 118 2.98 6.17 -16.18
C TRP A 118 4.23 7.02 -16.02
N ILE A 119 4.48 7.96 -16.94
CA ILE A 119 5.68 8.78 -16.82
C ILE A 119 5.61 9.64 -15.57
N ALA A 120 4.40 9.91 -15.04
CA ALA A 120 4.33 10.81 -13.90
C ALA A 120 4.86 10.16 -12.62
N PRO A 121 4.38 8.97 -12.20
CA PRO A 121 5.04 8.32 -11.05
C PRO A 121 6.52 8.07 -11.26
N ALA A 122 6.94 7.76 -12.48
CA ALA A 122 8.36 7.63 -12.76
C ALA A 122 9.11 8.91 -12.41
N PHE A 123 8.51 10.08 -12.70
CA PHE A 123 9.23 11.31 -12.37
C PHE A 123 9.23 11.58 -10.88
N CYS A 124 8.12 11.31 -10.18
CA CYS A 124 8.13 11.51 -8.73
C CYS A 124 9.28 10.72 -8.09
N GLN A 125 9.50 9.49 -8.52
CA GLN A 125 10.57 8.68 -7.96
C GLN A 125 11.92 9.25 -8.34
N TRP A 126 12.07 9.69 -9.58
CA TRP A 126 13.31 10.34 -10.02
C TRP A 126 13.60 11.58 -9.18
N PHE A 127 12.59 12.40 -8.94
CA PHE A 127 12.74 13.62 -8.15
C PHE A 127 13.25 13.29 -6.76
N VAL A 128 12.61 12.36 -6.11
CA VAL A 128 13.02 11.97 -4.78
C VAL A 128 14.46 11.51 -4.74
N LYS A 129 14.80 10.64 -5.65
CA LYS A 129 16.12 10.11 -5.74
C LYS A 129 17.18 11.22 -5.95
N GLU A 130 16.88 12.19 -6.79
CA GLU A 130 17.82 13.27 -7.06
C GLU A 130 18.03 14.12 -5.83
N ILE A 131 16.97 14.48 -5.14
CA ILE A 131 17.11 15.28 -3.93
C ILE A 131 17.93 14.52 -2.89
N LEU A 132 17.56 13.26 -2.64
CA LEU A 132 18.20 12.50 -1.56
C LEU A 132 19.66 12.21 -1.86
N GLN A 133 19.98 11.83 -3.10
CA GLN A 133 21.36 11.50 -3.42
C GLN A 133 22.27 12.73 -3.42
N ASN A 134 21.71 13.95 -3.48
CA ASN A 134 22.51 15.16 -3.61
C ASN A 134 22.27 16.17 -2.48
N HIS A 135 21.51 15.80 -1.45
CA HIS A 135 21.11 16.80 -0.46
C HIS A 135 22.25 17.27 0.43
N LYS A 136 23.39 16.58 0.44
CA LYS A 136 24.53 17.01 1.23
C LYS A 136 25.56 17.78 0.41
N ASP A 137 25.86 17.32 -0.81
CA ASP A 137 26.95 17.91 -1.60
C ASP A 137 26.51 19.04 -2.51
N ASN A 138 25.24 19.11 -2.87
CA ASN A 138 24.79 20.05 -3.89
C ASN A 138 24.31 21.33 -3.23
N SER A 139 25.00 22.44 -3.52
CA SER A 139 24.72 23.69 -2.86
C SER A 139 23.28 24.13 -3.10
N ARG A 140 22.77 23.91 -4.30
CA ARG A 140 21.43 24.39 -4.63
C ARG A 140 20.35 23.59 -3.90
N ILE A 141 20.51 22.27 -3.83
CA ILE A 141 19.53 21.48 -3.08
C ILE A 141 19.66 21.77 -1.59
N ARG A 142 20.88 21.86 -1.09
CA ARG A 142 21.11 22.23 0.30
C ARG A 142 20.47 23.57 0.62
N LYS A 143 20.57 24.54 -0.30
CA LYS A 143 19.89 25.82 -0.13
C LYS A 143 18.38 25.62 0.04
N LEU A 144 17.75 24.97 -0.93
CA LEU A 144 16.30 24.79 -0.88
C LEU A 144 15.87 24.18 0.45
N LEU A 145 16.61 23.16 0.92
CA LEU A 145 16.24 22.46 2.13
C LEU A 145 16.52 23.24 3.41
N ARG A 146 17.24 24.36 3.35
CA ARG A 146 17.35 25.19 4.55
C ARG A 146 16.02 25.82 4.94
N ASN A 147 15.11 26.01 3.99
CA ASN A 147 13.86 26.69 4.29
C ASN A 147 12.62 25.99 3.74
N LEU A 148 12.76 24.95 2.92
CA LEU A 148 11.63 24.22 2.36
C LEU A 148 11.67 22.76 2.79
N ASP A 149 10.49 22.18 2.99
CA ASP A 149 10.27 20.74 3.02
C ASP A 149 9.55 20.30 1.75
N PHE A 150 9.89 19.13 1.25
CA PHE A 150 9.29 18.57 0.05
C PHE A 150 8.36 17.44 0.48
N TYR A 151 7.10 17.52 0.10
CA TYR A 151 6.15 16.43 0.30
C TYR A 151 5.81 15.87 -1.06
N VAL A 152 6.11 14.60 -1.28
CA VAL A 152 5.98 13.96 -2.58
C VAL A 152 5.05 12.78 -2.45
N LEU A 153 3.99 12.77 -3.25
CA LEU A 153 3.01 11.69 -3.31
C LEU A 153 3.23 10.91 -4.61
N PRO A 154 3.94 9.77 -4.57
CA PRO A 154 4.36 9.10 -5.82
C PRO A 154 3.24 8.58 -6.70
N VAL A 155 2.21 7.97 -6.10
CA VAL A 155 1.06 7.50 -6.84
C VAL A 155 -0.16 7.78 -5.99
N LEU A 156 -1.08 8.59 -6.51
CA LEU A 156 -2.29 8.89 -5.77
C LEU A 156 -3.38 7.86 -6.09
N ASN A 157 -3.58 7.59 -7.37
CA ASN A 157 -4.65 6.71 -7.86
C ASN A 157 -4.09 5.29 -7.95
N ILE A 158 -3.84 4.71 -6.78
CA ILE A 158 -3.15 3.41 -6.73
C ILE A 158 -4.02 2.31 -7.33
N ASP A 159 -5.34 2.35 -7.07
CA ASP A 159 -6.19 1.29 -7.62
C ASP A 159 -6.18 1.32 -9.13
N GLY A 160 -6.35 2.51 -9.72
CA GLY A 160 -6.30 2.61 -11.17
C GLY A 160 -4.95 2.22 -11.72
N TYR A 161 -3.88 2.64 -11.05
CA TYR A 161 -2.54 2.33 -11.52
C TYR A 161 -2.31 0.81 -11.55
N ILE A 162 -2.72 0.11 -10.49
CA ILE A 162 -2.61 -1.35 -10.51
C ILE A 162 -3.41 -1.92 -11.67
N TYR A 163 -4.58 -1.37 -11.90
CA TYR A 163 -5.44 -1.81 -12.98
C TYR A 163 -4.81 -1.69 -14.37
N THR A 164 -4.01 -0.65 -14.57
CA THR A 164 -3.33 -0.46 -15.84
C THR A 164 -2.25 -1.50 -16.06
N TRP A 165 -1.71 -2.03 -14.99
CA TRP A 165 -0.72 -3.10 -15.11
C TRP A 165 -1.40 -4.45 -15.31
N THR A 166 -2.54 -4.69 -14.65
CA THR A 166 -3.17 -6.01 -14.69
C THR A 166 -4.16 -6.18 -15.83
N THR A 167 -4.85 -5.12 -16.25
CA THR A 167 -6.04 -5.31 -17.07
C THR A 167 -6.20 -4.37 -18.26
N ASP A 168 -5.99 -3.07 -18.06
CA ASP A 168 -6.36 -2.09 -19.09
C ASP A 168 -5.35 -0.93 -19.03
N ARG A 169 -4.42 -0.92 -20.01
CA ARG A 169 -3.32 0.05 -19.99
C ARG A 169 -3.80 1.50 -20.09
N LEU A 170 -4.96 1.74 -20.70
CA LEU A 170 -5.45 3.09 -20.90
C LEU A 170 -6.52 3.50 -19.88
N TRP A 171 -6.63 2.80 -18.75
CA TRP A 171 -7.55 3.22 -17.71
C TRP A 171 -7.10 4.55 -17.10
N ARG A 172 -8.06 5.43 -16.83
CA ARG A 172 -7.77 6.77 -16.33
C ARG A 172 -8.25 7.00 -14.90
N LYS A 173 -9.45 6.51 -14.58
CA LYS A 173 -10.18 6.86 -13.38
C LYS A 173 -9.75 6.03 -12.18
N SER A 174 -10.38 6.26 -11.04
CA SER A 174 -10.26 5.36 -9.90
C SER A 174 -10.97 4.04 -10.20
N ARG A 175 -11.18 3.20 -9.18
CA ARG A 175 -11.87 1.93 -9.39
C ARG A 175 -13.09 1.78 -8.48
N SER A 176 -13.62 2.87 -7.95
CA SER A 176 -14.78 2.73 -7.08
C SER A 176 -16.01 2.39 -7.91
N PRO A 177 -16.87 1.51 -7.44
CA PRO A 177 -18.06 1.15 -8.21
C PRO A 177 -19.14 2.20 -8.05
N HIS A 178 -19.97 2.30 -9.09
CA HIS A 178 -21.11 3.21 -9.11
C HIS A 178 -22.28 2.49 -9.77
N ASN A 179 -23.50 2.97 -9.49
CA ASN A 179 -24.74 2.36 -10.01
C ASN A 179 -24.78 0.85 -9.78
N ASN A 180 -24.58 0.43 -8.53
CA ASN A 180 -24.59 -0.99 -8.13
C ASN A 180 -23.53 -1.80 -8.86
N GLY A 181 -22.39 -1.19 -9.17
CA GLY A 181 -21.32 -1.89 -9.84
C GLY A 181 -21.42 -1.99 -11.34
N THR A 182 -22.35 -1.28 -11.93
CA THR A 182 -22.50 -1.33 -13.37
C THR A 182 -21.51 -0.41 -14.10
N CYS A 183 -20.79 0.38 -13.35
CA CYS A 183 -19.71 1.20 -13.89
C CYS A 183 -18.69 1.47 -12.81
N PHE A 184 -17.49 1.80 -13.23
CA PHE A 184 -16.44 1.99 -12.30
C PHE A 184 -15.63 3.22 -12.51
N GLY A 185 -15.35 3.87 -11.42
CA GLY A 185 -14.30 4.87 -11.45
C GLY A 185 -14.76 6.31 -11.49
N THR A 186 -14.10 7.15 -10.71
CA THR A 186 -14.26 8.60 -10.75
C THR A 186 -12.96 9.19 -11.27
N ASP A 187 -13.08 10.22 -12.12
CA ASP A 187 -11.92 11.00 -12.52
C ASP A 187 -11.51 11.82 -11.30
N LEU A 188 -10.44 11.39 -10.64
CA LEU A 188 -10.08 12.07 -9.41
C LEU A 188 -9.70 13.53 -9.63
N ASN A 189 -9.27 13.91 -10.83
CA ASN A 189 -8.96 15.31 -11.11
C ASN A 189 -10.18 16.09 -11.59
N ARG A 190 -11.38 15.57 -11.35
CA ARG A 190 -12.61 16.32 -11.46
C ARG A 190 -13.37 16.31 -10.15
N ASN A 191 -12.78 15.75 -9.09
CA ASN A 191 -13.48 15.44 -7.85
C ASN A 191 -13.16 16.43 -6.72
N PHE A 192 -12.25 17.38 -6.93
CA PHE A 192 -11.94 18.34 -5.88
C PHE A 192 -12.97 19.44 -5.85
N ASN A 193 -13.04 20.14 -4.72
CA ASN A 193 -14.12 21.11 -4.47
C ASN A 193 -13.72 22.48 -5.03
N ALA A 194 -13.62 22.55 -6.37
CA ALA A 194 -13.25 23.76 -7.10
C ALA A 194 -14.25 23.92 -8.26
N SER A 195 -15.26 24.76 -8.07
CA SER A 195 -16.33 24.91 -9.06
C SER A 195 -16.82 23.53 -9.54
N TRP A 196 -16.90 22.61 -8.60
CA TRP A 196 -17.21 21.24 -8.85
C TRP A 196 -18.32 21.01 -9.83
N CYS A 197 -17.97 20.24 -10.85
CA CYS A 197 -18.86 19.86 -11.92
C CYS A 197 -19.51 20.98 -12.75
N SER A 198 -18.91 22.13 -12.79
CA SER A 198 -19.47 23.24 -13.50
C SER A 198 -19.24 23.22 -14.98
N ILE A 199 -18.16 22.63 -15.42
CA ILE A 199 -17.80 22.55 -16.83
C ILE A 199 -16.69 21.56 -17.09
N GLY A 200 -16.68 20.92 -18.23
CA GLY A 200 -15.59 20.02 -18.56
C GLY A 200 -15.55 18.78 -17.70
N ALA A 201 -16.68 18.39 -17.14
CA ALA A 201 -16.79 17.19 -16.34
C ALA A 201 -18.17 16.61 -16.60
N SER A 202 -18.31 15.31 -16.36
CA SER A 202 -19.56 14.62 -16.65
C SER A 202 -20.16 14.08 -15.37
N ARG A 203 -21.47 14.02 -15.33
CA ARG A 203 -22.18 13.42 -14.27
C ARG A 203 -22.53 11.96 -14.65
N ASN A 204 -22.18 11.56 -15.86
CA ASN A 204 -22.41 10.22 -16.34
C ASN A 204 -21.28 9.35 -15.83
N CYS A 205 -21.59 8.37 -14.99
CA CYS A 205 -20.55 7.51 -14.45
C CYS A 205 -19.71 6.72 -15.45
N GLN A 206 -20.21 6.44 -16.63
CA GLN A 206 -19.49 5.77 -17.67
C GLN A 206 -18.43 6.65 -18.35
N ASP A 207 -18.48 7.94 -18.13
CA ASP A 207 -17.61 8.87 -18.84
C ASP A 207 -16.24 8.93 -18.17
N GLN A 208 -15.20 9.19 -18.98
CA GLN A 208 -13.84 9.21 -18.46
C GLN A 208 -13.58 10.44 -17.59
N THR A 209 -14.47 11.41 -17.62
CA THR A 209 -14.33 12.61 -16.82
C THR A 209 -15.42 12.70 -15.75
N PHE A 210 -15.95 11.58 -15.34
CA PHE A 210 -16.99 11.54 -14.33
C PHE A 210 -16.50 12.24 -13.06
N CYS A 211 -17.22 13.24 -12.59
CA CYS A 211 -16.80 14.05 -11.45
C CYS A 211 -17.10 13.48 -10.07
N GLY A 212 -17.77 12.37 -10.06
CA GLY A 212 -18.13 11.71 -8.83
C GLY A 212 -19.52 12.04 -8.38
N THR A 213 -19.91 11.46 -7.27
CA THR A 213 -21.29 11.69 -6.78
C THR A 213 -21.43 13.02 -6.07
N GLY A 214 -20.33 13.61 -5.61
CA GLY A 214 -20.34 14.94 -5.04
C GLY A 214 -18.91 15.40 -4.91
N PRO A 215 -18.70 16.66 -4.51
CA PRO A 215 -17.33 17.15 -4.36
C PRO A 215 -16.63 16.39 -3.25
N VAL A 216 -15.38 15.99 -3.51
CA VAL A 216 -14.54 15.25 -2.56
C VAL A 216 -15.26 13.97 -2.09
N SER A 217 -15.97 13.31 -2.99
CA SER A 217 -16.71 12.10 -2.64
C SER A 217 -15.82 10.87 -2.55
N GLU A 218 -14.61 10.85 -3.21
CA GLU A 218 -13.87 9.60 -3.21
C GLU A 218 -12.87 9.55 -2.05
N PRO A 219 -12.50 8.36 -1.57
CA PRO A 219 -11.52 8.32 -0.46
C PRO A 219 -10.15 8.86 -0.84
N GLU A 220 -9.72 8.69 -2.09
CA GLU A 220 -8.44 9.26 -2.51
C GLU A 220 -8.45 10.78 -2.43
N THR A 221 -9.52 11.41 -2.94
CA THR A 221 -9.64 12.86 -2.87
C THR A 221 -9.70 13.34 -1.42
N LYS A 222 -10.54 12.71 -0.60
CA LYS A 222 -10.65 13.08 0.81
C LYS A 222 -9.29 13.06 1.51
N ALA A 223 -8.50 12.01 1.24
CA ALA A 223 -7.20 11.88 1.89
C ALA A 223 -6.28 13.04 1.53
N VAL A 224 -6.21 13.38 0.25
CA VAL A 224 -5.39 14.50 -0.21
C VAL A 224 -5.94 15.82 0.32
N ALA A 225 -7.24 16.05 0.12
CA ALA A 225 -7.80 17.37 0.43
C ALA A 225 -7.74 17.68 1.93
N SER A 226 -8.09 16.72 2.79
CA SER A 226 -8.03 17.01 4.21
C SER A 226 -6.61 17.31 4.66
N PHE A 227 -5.63 16.55 4.15
CA PHE A 227 -4.24 16.83 4.50
C PHE A 227 -3.80 18.22 4.03
N ILE A 228 -3.99 18.51 2.75
CA ILE A 228 -3.59 19.79 2.16
C ILE A 228 -4.25 20.95 2.88
N GLU A 229 -5.53 20.78 3.21
CA GLU A 229 -6.28 21.81 3.92
C GLU A 229 -5.67 22.12 5.28
N SER A 230 -5.10 21.10 5.93
CA SER A 230 -4.49 21.28 7.24
C SER A 230 -3.12 21.96 7.17
N LYS A 231 -2.49 21.97 5.99
CA LYS A 231 -1.17 22.56 5.82
C LYS A 231 -1.19 23.81 4.96
N LYS A 232 -2.37 24.25 4.52
CA LYS A 232 -2.45 25.20 3.42
C LYS A 232 -1.70 26.49 3.69
N ASP A 233 -1.58 26.90 4.96
CA ASP A 233 -0.91 28.16 5.25
C ASP A 233 0.59 28.08 5.05
N ASP A 234 1.15 26.86 5.00
CA ASP A 234 2.58 26.63 4.86
C ASP A 234 2.99 26.19 3.47
N ILE A 235 2.04 25.90 2.59
CA ILE A 235 2.34 25.38 1.25
C ILE A 235 2.55 26.54 0.31
N LEU A 236 3.77 26.64 -0.23
CA LEU A 236 4.09 27.70 -1.17
C LEU A 236 3.78 27.29 -2.61
N CYS A 237 3.90 26.01 -2.92
CA CYS A 237 3.83 25.59 -4.30
C CYS A 237 3.22 24.19 -4.37
N PHE A 238 2.31 24.02 -5.33
CA PHE A 238 1.53 22.80 -5.51
C PHE A 238 1.76 22.35 -6.95
N LEU A 239 2.41 21.20 -7.13
CA LEU A 239 2.71 20.68 -8.46
C LEU A 239 1.97 19.36 -8.66
N THR A 240 1.22 19.25 -9.75
CA THR A 240 0.52 18.02 -10.11
C THR A 240 1.03 17.52 -11.44
N MET A 241 1.60 16.32 -11.43
CA MET A 241 2.30 15.79 -12.59
C MET A 241 1.39 14.86 -13.37
N HIS A 242 1.34 15.09 -14.69
CA HIS A 242 0.46 14.41 -15.62
C HIS A 242 1.22 14.12 -16.91
N SER A 243 0.55 13.41 -17.81
CA SER A 243 1.00 13.31 -19.20
C SER A 243 -0.26 13.15 -20.05
N TYR A 244 -0.22 13.40 -21.35
CA TYR A 244 0.97 13.92 -22.06
C TYR A 244 0.62 15.25 -22.70
N GLY A 245 1.61 15.97 -23.21
CA GLY A 245 1.31 17.14 -24.01
C GLY A 245 2.36 18.22 -23.98
N GLN A 246 3.32 18.10 -23.07
CA GLN A 246 4.42 19.07 -22.92
C GLN A 246 3.90 20.49 -22.67
N LEU A 247 3.17 20.62 -21.56
CA LEU A 247 2.59 21.89 -21.14
C LEU A 247 2.93 22.14 -19.67
N ILE A 248 3.03 23.41 -19.32
CA ILE A 248 3.07 23.88 -17.94
C ILE A 248 1.84 24.74 -17.75
N LEU A 249 0.86 24.24 -16.99
CA LEU A 249 -0.47 24.83 -16.90
C LEU A 249 -0.68 25.56 -15.58
N THR A 250 -1.15 26.80 -15.66
CA THR A 250 -1.57 27.58 -14.52
C THR A 250 -3.09 27.48 -14.33
N PRO A 251 -3.63 27.91 -13.19
CA PRO A 251 -5.09 28.06 -13.13
C PRO A 251 -5.57 29.10 -14.17
N TYR A 252 -6.81 29.05 -14.64
CA TYR A 252 -7.80 28.07 -14.24
C TYR A 252 -8.28 27.23 -15.40
N GLY A 253 -8.93 26.12 -15.07
CA GLY A 253 -9.63 25.33 -16.05
C GLY A 253 -11.10 25.70 -16.13
N TYR A 254 -11.67 26.21 -15.05
CA TYR A 254 -13.12 26.39 -15.00
C TYR A 254 -13.56 27.79 -15.38
N THR A 255 -12.62 28.68 -15.68
CA THR A 255 -12.92 30.02 -16.12
C THR A 255 -11.73 30.51 -16.92
N LYS A 256 -11.98 31.42 -17.84
CA LYS A 256 -10.85 32.05 -18.51
C LYS A 256 -10.31 33.22 -17.70
N ASN A 257 -10.94 33.54 -16.57
CA ASN A 257 -10.36 34.45 -15.60
C ASN A 257 -8.97 33.97 -15.20
N LYS A 258 -8.11 34.90 -14.84
CA LYS A 258 -6.78 34.61 -14.40
C LYS A 258 -6.65 34.91 -12.91
N SER A 259 -5.78 34.24 -12.20
CA SER A 259 -5.61 34.51 -10.79
C SER A 259 -4.90 35.83 -10.59
N SER A 260 -4.94 36.33 -9.36
CA SER A 260 -4.43 37.66 -9.09
C SER A 260 -2.93 37.73 -9.32
N ASN A 261 -2.22 36.61 -9.22
CA ASN A 261 -0.78 36.58 -9.43
C ASN A 261 -0.41 35.86 -10.72
N HIS A 262 -1.31 35.83 -11.70
CA HIS A 262 -1.02 35.17 -12.97
C HIS A 262 0.26 35.67 -13.65
N PRO A 263 0.58 36.96 -13.68
CA PRO A 263 1.86 37.36 -14.29
C PRO A 263 3.07 36.67 -13.66
N GLU A 264 3.06 36.59 -12.33
CA GLU A 264 4.14 35.93 -11.61
C GLU A 264 4.19 34.44 -11.94
N MET A 265 3.03 33.81 -12.07
CA MET A 265 2.99 32.39 -12.40
C MET A 265 3.52 32.10 -13.79
N ILE A 266 3.22 32.94 -14.79
CA ILE A 266 3.72 32.55 -16.10
C ILE A 266 5.17 32.98 -16.31
N GLN A 267 5.65 33.97 -15.57
CA GLN A 267 7.07 34.28 -15.60
C GLN A 267 7.89 33.12 -15.04
N VAL A 268 7.49 32.62 -13.88
CA VAL A 268 8.13 31.43 -13.31
C VAL A 268 7.95 30.24 -14.25
N GLY A 269 6.75 30.05 -14.78
CA GLY A 269 6.50 28.93 -15.67
C GLY A 269 7.32 29.00 -16.95
N GLN A 270 7.42 30.20 -17.55
CA GLN A 270 8.17 30.30 -18.80
C GLN A 270 9.66 30.09 -18.57
N LYS A 271 10.18 30.59 -17.46
CA LYS A 271 11.59 30.34 -17.16
C LYS A 271 11.88 28.86 -16.95
N ALA A 272 10.94 28.15 -16.30
CA ALA A 272 11.06 26.70 -16.16
C ALA A 272 10.99 26.00 -17.51
N ALA A 273 10.06 26.43 -18.37
CA ALA A 273 9.97 25.84 -19.71
C ALA A 273 11.27 26.07 -20.49
N ASN A 274 11.86 27.24 -20.32
CA ASN A 274 13.12 27.53 -21.01
C ASN A 274 14.24 26.64 -20.49
N ALA A 275 14.34 26.50 -19.17
CA ALA A 275 15.35 25.63 -18.57
C ALA A 275 15.16 24.17 -19.01
N LEU A 276 13.92 23.75 -19.21
CA LEU A 276 13.66 22.39 -19.66
C LEU A 276 14.13 22.19 -21.10
N LYS A 277 13.79 23.15 -21.97
CA LYS A 277 14.14 23.02 -23.38
C LYS A 277 15.65 23.02 -23.60
N ALA A 278 16.38 23.77 -22.77
CA ALA A 278 17.84 23.84 -22.90
C ALA A 278 18.51 22.48 -22.85
N LYS A 279 17.84 21.48 -22.29
CA LYS A 279 18.47 20.17 -22.07
C LYS A 279 18.59 19.38 -23.37
N TYR A 280 17.45 19.07 -24.00
CA TYR A 280 17.42 18.29 -25.23
C TYR A 280 16.59 18.94 -26.33
N GLY A 281 16.15 20.18 -26.15
CA GLY A 281 15.34 20.87 -27.14
C GLY A 281 13.84 20.63 -27.06
N THR A 282 13.36 19.99 -26.00
CA THR A 282 11.92 19.71 -25.90
C THR A 282 11.13 20.99 -25.70
N ASN A 283 10.09 21.19 -26.52
CA ASN A 283 9.30 22.41 -26.51
C ASN A 283 8.12 22.27 -25.55
N TYR A 284 7.99 23.21 -24.61
CA TYR A 284 6.84 23.26 -23.71
C TYR A 284 6.07 24.55 -23.93
N ARG A 285 4.76 24.50 -23.74
CA ARG A 285 3.90 25.68 -23.80
C ARG A 285 3.36 25.97 -22.42
N VAL A 286 3.36 27.25 -22.06
CA VAL A 286 2.98 27.72 -20.72
C VAL A 286 1.72 28.56 -20.84
N GLY A 287 0.74 28.29 -19.98
CA GLY A 287 -0.46 29.11 -20.00
C GLY A 287 -1.54 28.51 -19.12
N SER A 288 -2.66 29.22 -19.03
CA SER A 288 -3.75 28.69 -18.21
C SER A 288 -4.41 27.51 -18.91
N SER A 289 -4.93 26.55 -18.11
CA SER A 289 -5.54 25.36 -18.70
C SER A 289 -6.63 25.71 -19.68
N ALA A 290 -7.51 26.65 -19.30
CA ALA A 290 -8.64 26.99 -20.15
C ALA A 290 -8.18 27.58 -21.48
N ASP A 291 -7.02 28.23 -21.49
CA ASP A 291 -6.55 28.87 -22.71
C ASP A 291 -5.87 27.89 -23.65
N ILE A 292 -5.04 26.97 -23.14
CA ILE A 292 -4.16 26.20 -24.02
C ILE A 292 -4.43 24.71 -23.96
N LEU A 293 -5.38 24.24 -23.16
CA LEU A 293 -5.67 22.82 -23.16
C LEU A 293 -7.15 22.58 -23.37
N TYR A 294 -7.94 22.64 -22.30
CA TYR A 294 -9.40 22.57 -22.41
C TYR A 294 -9.99 22.95 -21.05
N ALA A 295 -11.29 23.23 -21.05
CA ALA A 295 -11.96 23.58 -19.81
C ALA A 295 -12.13 22.34 -18.94
N SER A 296 -12.06 22.56 -17.62
CA SER A 296 -12.24 21.51 -16.64
C SER A 296 -12.71 22.18 -15.36
N SER A 297 -13.17 21.36 -14.42
CA SER A 297 -13.57 21.83 -13.11
C SER A 297 -13.24 20.73 -12.13
N GLY A 298 -13.09 21.11 -10.85
CA GLY A 298 -12.78 20.12 -9.84
C GLY A 298 -11.36 19.59 -9.88
N SER A 299 -10.45 20.26 -10.58
CA SER A 299 -9.06 19.79 -10.61
C SER A 299 -8.38 20.18 -9.30
N SER A 300 -7.39 19.36 -8.89
CA SER A 300 -6.67 19.68 -7.66
C SER A 300 -5.85 20.95 -7.81
N ARG A 301 -5.40 21.22 -9.03
CA ARG A 301 -4.61 22.42 -9.32
C ARG A 301 -5.42 23.67 -9.01
N ASP A 302 -6.65 23.73 -9.52
CA ASP A 302 -7.52 24.89 -9.30
C ASP A 302 -7.94 24.96 -7.83
N TRP A 303 -8.23 23.81 -7.20
CA TRP A 303 -8.61 23.82 -5.80
C TRP A 303 -7.49 24.39 -4.93
N ALA A 304 -6.24 23.98 -5.18
CA ALA A 304 -5.10 24.49 -4.41
C ALA A 304 -4.97 26.01 -4.54
N ARG A 305 -5.05 26.55 -5.75
CA ARG A 305 -5.03 28.00 -5.91
C ARG A 305 -6.20 28.65 -5.19
N ASP A 306 -7.40 28.02 -5.27
CA ASP A 306 -8.60 28.60 -4.65
C ASP A 306 -8.45 28.70 -3.12
N ILE A 307 -7.76 27.75 -2.48
CA ILE A 307 -7.59 27.83 -1.03
C ILE A 307 -6.40 28.70 -0.66
N GLY A 308 -5.73 29.31 -1.64
CA GLY A 308 -4.75 30.34 -1.35
C GLY A 308 -3.30 29.94 -1.53
N ILE A 309 -3.01 28.78 -2.10
CA ILE A 309 -1.62 28.41 -2.36
C ILE A 309 -1.16 29.19 -3.58
N PRO A 310 -0.10 30.03 -3.45
CA PRO A 310 0.16 31.03 -4.50
C PRO A 310 0.66 30.46 -5.81
N PHE A 311 1.45 29.39 -5.79
CA PHE A 311 1.92 28.75 -7.01
C PHE A 311 1.28 27.38 -7.11
N SER A 312 0.54 27.17 -8.19
CA SER A 312 -0.14 25.91 -8.41
C SER A 312 -0.06 25.61 -9.89
N TYR A 313 0.59 24.50 -10.24
CA TYR A 313 0.85 24.13 -11.63
C TYR A 313 0.47 22.69 -11.91
N THR A 314 -0.04 22.45 -13.12
CA THR A 314 -0.10 21.12 -13.68
C THR A 314 1.01 21.00 -14.72
N PHE A 315 1.87 20.00 -14.57
CA PHE A 315 2.84 19.66 -15.60
C PHE A 315 2.28 18.52 -16.44
N GLU A 316 2.23 18.72 -17.76
CA GLU A 316 1.94 17.64 -18.71
C GLU A 316 3.27 17.26 -19.36
N LEU A 317 3.77 16.06 -19.04
CA LEU A 317 5.11 15.66 -19.47
C LEU A 317 5.07 15.12 -20.91
N ARG A 318 6.20 14.55 -21.37
CA ARG A 318 6.29 13.94 -22.70
C ARG A 318 5.24 12.87 -22.98
N ASP A 319 4.86 12.67 -24.26
CA ASP A 319 5.40 13.44 -25.39
C ASP A 319 4.33 14.36 -25.96
N SER A 320 4.33 14.56 -27.28
CA SER A 320 3.33 15.38 -27.95
C SER A 320 2.32 14.56 -28.73
N GLY A 321 2.37 13.24 -28.63
CA GLY A 321 1.34 12.45 -29.27
C GLY A 321 1.81 11.28 -30.11
N THR A 322 3.12 11.19 -30.40
CA THR A 322 3.60 10.03 -31.13
C THR A 322 3.29 8.74 -30.38
N TYR A 323 3.70 8.67 -29.11
CA TYR A 323 3.37 7.52 -28.27
C TYR A 323 2.28 7.79 -27.25
N GLY A 324 2.04 9.05 -26.92
CA GLY A 324 0.95 9.37 -26.01
C GLY A 324 1.22 8.86 -24.61
N PHE A 325 0.25 8.14 -24.05
CA PHE A 325 0.39 7.64 -22.69
C PHE A 325 1.39 6.50 -22.60
N VAL A 326 1.60 5.76 -23.68
CA VAL A 326 2.48 4.61 -23.61
C VAL A 326 3.88 5.03 -24.06
N LEU A 327 4.48 5.91 -23.28
CA LEU A 327 5.82 6.42 -23.58
C LEU A 327 6.85 5.32 -23.38
N PRO A 328 7.69 5.01 -24.37
CA PRO A 328 8.69 3.95 -24.20
C PRO A 328 9.66 4.26 -23.06
N GLU A 329 10.15 3.19 -22.43
CA GLU A 329 11.03 3.35 -21.27
C GLU A 329 12.34 4.01 -21.66
N ALA A 330 12.74 3.89 -22.93
CA ALA A 330 13.95 4.61 -23.36
C ALA A 330 13.82 6.11 -23.18
N GLN A 331 12.61 6.64 -23.01
CA GLN A 331 12.45 8.08 -22.84
C GLN A 331 12.30 8.50 -21.37
N ILE A 332 12.29 7.55 -20.43
CA ILE A 332 12.15 7.93 -19.02
C ILE A 332 13.32 8.81 -18.57
N GLN A 333 14.55 8.32 -18.75
CA GLN A 333 15.68 9.11 -18.27
C GLN A 333 15.70 10.52 -18.88
N PRO A 334 15.58 10.72 -20.20
CA PRO A 334 15.66 12.10 -20.71
C PRO A 334 14.48 12.96 -20.28
N THR A 335 13.28 12.38 -20.21
CA THR A 335 12.13 13.12 -19.74
C THR A 335 12.36 13.63 -18.32
N CYS A 336 12.80 12.74 -17.43
CA CYS A 336 13.03 13.11 -16.04
C CYS A 336 14.15 14.12 -15.88
N GLU A 337 15.24 13.95 -16.64
CA GLU A 337 16.34 14.89 -16.51
C GLU A 337 15.92 16.30 -16.92
N GLU A 338 15.20 16.43 -18.04
CA GLU A 338 14.77 17.75 -18.46
C GLU A 338 13.70 18.30 -17.52
N THR A 339 12.78 17.44 -17.06
CA THR A 339 11.74 17.91 -16.15
C THR A 339 12.35 18.36 -14.83
N MET A 340 13.42 17.69 -14.40
CA MET A 340 14.10 18.08 -13.18
C MET A 340 14.58 19.53 -13.25
N GLU A 341 15.07 19.93 -14.41
CA GLU A 341 15.56 21.28 -14.61
C GLU A 341 14.41 22.26 -14.42
N ALA A 342 13.26 21.95 -15.01
CA ALA A 342 12.08 22.78 -14.89
C ALA A 342 11.66 22.93 -13.43
N VAL A 343 11.59 21.81 -12.70
CA VAL A 343 11.08 21.83 -11.33
C VAL A 343 12.03 22.57 -10.42
N LEU A 344 13.33 22.35 -10.56
CA LEU A 344 14.31 23.12 -9.77
C LEU A 344 14.29 24.61 -10.13
N SER A 345 14.02 24.95 -11.40
CA SER A 345 13.85 26.35 -11.75
C SER A 345 12.67 26.96 -11.00
N VAL A 346 11.54 26.27 -10.97
CA VAL A 346 10.40 26.75 -10.21
C VAL A 346 10.78 26.93 -8.75
N LEU A 347 11.42 25.90 -8.16
CA LEU A 347 11.72 25.95 -6.73
C LEU A 347 12.70 27.07 -6.42
N ASP A 348 13.69 27.28 -7.30
CA ASP A 348 14.58 28.42 -7.14
C ASP A 348 13.79 29.72 -7.10
N ASP A 349 12.80 29.87 -7.98
CA ASP A 349 12.08 31.14 -8.06
C ASP A 349 11.23 31.35 -6.82
N VAL A 350 10.50 30.31 -6.42
CA VAL A 350 9.70 30.34 -5.20
C VAL A 350 10.58 30.70 -4.01
N TYR A 351 11.73 30.02 -3.90
CA TYR A 351 12.65 30.28 -2.79
C TYR A 351 13.08 31.74 -2.76
N ALA A 352 13.43 32.28 -3.94
CA ALA A 352 13.99 33.62 -4.00
C ALA A 352 12.99 34.69 -3.60
N LYS A 353 11.73 34.35 -3.55
CA LYS A 353 10.73 35.25 -3.13
C LYS A 353 10.76 35.50 -1.65
N HIS A 354 11.36 34.59 -0.89
CA HIS A 354 11.31 34.66 0.56
C HIS A 354 12.66 34.69 1.24
N TRP A 355 13.68 34.04 0.68
CA TRP A 355 15.01 33.98 1.31
C TRP A 355 16.09 34.20 0.26
N GLU B 49 -1.72 8.94 21.31
CA GLU B 49 -2.40 8.05 20.37
C GLU B 49 -3.71 7.52 20.98
N THR B 50 -4.77 7.57 20.18
CA THR B 50 -6.08 7.10 20.64
C THR B 50 -6.37 5.69 20.10
N TYR B 51 -5.32 4.96 19.78
CA TYR B 51 -5.47 3.60 19.26
C TYR B 51 -5.82 2.62 20.37
N SER B 52 -7.01 2.03 20.28
CA SER B 52 -7.46 1.07 21.28
C SER B 52 -7.13 -0.36 20.86
N TYR B 53 -6.33 -1.03 21.68
CA TYR B 53 -5.94 -2.39 21.40
C TYR B 53 -7.00 -3.42 21.88
N ASN B 54 -8.12 -2.92 22.36
CA ASN B 54 -9.23 -3.70 22.87
C ASN B 54 -10.36 -3.95 21.84
N ILE B 55 -10.17 -3.56 20.60
CA ILE B 55 -11.19 -3.73 19.58
C ILE B 55 -10.50 -4.26 18.33
N TYR B 56 -11.29 -4.82 17.40
CA TYR B 56 -10.76 -5.24 16.11
C TYR B 56 -10.64 -4.04 15.17
N HIS B 57 -9.56 -4.03 14.36
CA HIS B 57 -9.27 -2.94 13.44
C HIS B 57 -9.31 -3.40 12.00
N PRO B 58 -10.00 -2.69 11.11
CA PRO B 58 -9.93 -3.03 9.69
C PRO B 58 -8.54 -2.70 9.15
N MET B 59 -8.25 -3.21 7.96
CA MET B 59 -6.87 -3.17 7.47
C MET B 59 -6.36 -1.75 7.26
N GLY B 60 -7.23 -0.83 6.84
CA GLY B 60 -6.79 0.55 6.69
C GLY B 60 -6.21 1.11 7.98
N GLU B 61 -6.87 0.84 9.09
CA GLU B 61 -6.38 1.29 10.38
C GLU B 61 -5.08 0.59 10.78
N ILE B 62 -4.91 -0.67 10.38
CA ILE B 62 -3.66 -1.38 10.72
C ILE B 62 -2.49 -0.81 9.94
N TYR B 63 -2.69 -0.51 8.65
CA TYR B 63 -1.65 0.13 7.86
C TYR B 63 -1.22 1.45 8.50
N GLU B 64 -2.19 2.26 8.90
CA GLU B 64 -1.88 3.53 9.55
C GLU B 64 -1.19 3.31 10.89
N TRP B 65 -1.64 2.32 11.65
CA TRP B 65 -0.98 2.00 12.92
C TRP B 65 0.47 1.60 12.72
N MET B 66 0.75 0.76 11.71
CA MET B 66 2.13 0.34 11.49
C MET B 66 3.03 1.53 11.19
N ARG B 67 2.57 2.45 10.34
CA ARG B 67 3.37 3.63 10.01
C ARG B 67 3.57 4.51 11.24
N GLU B 68 2.53 4.68 12.05
CA GLU B 68 2.61 5.57 13.21
C GLU B 68 3.46 4.99 14.33
N ILE B 69 3.29 3.69 14.62
CA ILE B 69 4.07 3.06 15.67
C ILE B 69 5.55 3.00 15.27
N SER B 70 5.83 2.78 13.99
CA SER B 70 7.21 2.76 13.52
C SER B 70 7.90 4.09 13.75
N GLU B 71 7.20 5.20 13.53
CA GLU B 71 7.85 6.48 13.73
C GLU B 71 7.95 6.86 15.20
N LYS B 72 6.91 6.56 15.99
CA LYS B 72 6.98 6.87 17.42
C LYS B 72 8.14 6.14 18.10
N TYR B 73 8.44 4.91 17.67
CA TYR B 73 9.48 4.12 18.31
C TYR B 73 10.62 3.83 17.33
N LYS B 74 10.96 4.81 16.50
CA LYS B 74 11.92 4.59 15.43
C LYS B 74 13.27 4.12 15.94
N GLU B 75 13.59 4.37 17.21
CA GLU B 75 14.88 3.91 17.71
C GLU B 75 14.95 2.39 17.90
N VAL B 76 13.82 1.69 17.89
CA VAL B 76 13.83 0.27 18.23
C VAL B 76 12.93 -0.56 17.30
N VAL B 77 12.15 0.09 16.43
CA VAL B 77 11.34 -0.66 15.48
C VAL B 77 11.50 -0.06 14.07
N THR B 78 11.64 -0.94 13.08
CA THR B 78 11.61 -0.58 11.67
C THR B 78 10.55 -1.41 10.95
N GLN B 79 9.90 -0.81 9.96
CA GLN B 79 8.88 -1.49 9.17
C GLN B 79 9.50 -1.92 7.85
N HIS B 80 9.24 -3.16 7.45
CA HIS B 80 9.87 -3.71 6.26
C HIS B 80 8.83 -4.29 5.32
N PHE B 81 9.14 -4.24 4.04
CA PHE B 81 8.29 -4.79 3.00
C PHE B 81 8.65 -6.25 2.74
N LEU B 82 7.67 -7.13 2.82
CA LEU B 82 7.86 -8.55 2.57
C LEU B 82 7.45 -8.95 1.16
N GLY B 83 6.36 -8.38 0.66
CA GLY B 83 5.82 -8.75 -0.64
C GLY B 83 4.46 -8.10 -0.80
N VAL B 84 3.77 -8.50 -1.87
CA VAL B 84 2.40 -8.05 -2.08
C VAL B 84 1.49 -9.27 -2.24
N THR B 85 0.24 -9.10 -1.84
CA THR B 85 -0.78 -10.11 -2.03
C THR B 85 -1.14 -10.19 -3.50
N TYR B 86 -2.03 -11.11 -3.83
CA TYR B 86 -2.52 -11.20 -5.21
C TYR B 86 -3.12 -9.87 -5.67
N GLU B 87 -3.87 -9.20 -4.80
CA GLU B 87 -4.49 -7.92 -5.12
C GLU B 87 -3.56 -6.72 -4.91
N THR B 88 -2.26 -6.97 -4.74
CA THR B 88 -1.22 -5.95 -4.63
C THR B 88 -1.40 -5.10 -3.37
N HIS B 89 -1.88 -5.71 -2.30
CA HIS B 89 -1.77 -5.07 -0.99
C HIS B 89 -0.39 -5.33 -0.40
N PRO B 90 0.34 -4.30 0.06
CA PRO B 90 1.67 -4.55 0.61
C PRO B 90 1.58 -5.32 1.93
N ILE B 91 2.42 -6.33 2.05
CA ILE B 91 2.57 -7.12 3.28
C ILE B 91 3.81 -6.62 4.00
N TYR B 92 3.64 -6.15 5.22
CA TYR B 92 4.77 -5.64 6.00
C TYR B 92 4.97 -6.47 7.27
N TYR B 93 6.20 -6.51 7.74
CA TYR B 93 6.49 -6.93 9.10
C TYR B 93 7.20 -5.81 9.85
N LEU B 94 7.02 -5.81 11.16
CA LEU B 94 7.76 -4.92 12.04
C LEU B 94 8.94 -5.70 12.61
N LYS B 95 10.12 -5.08 12.59
CA LYS B 95 11.31 -5.64 13.22
C LYS B 95 11.61 -4.83 14.47
N ILE B 96 11.48 -5.45 15.63
CA ILE B 96 11.82 -4.84 16.91
C ILE B 96 13.24 -5.28 17.27
N SER B 97 14.14 -4.32 17.41
CA SER B 97 15.55 -4.63 17.61
C SER B 97 16.20 -3.46 18.33
N GLN B 98 16.83 -3.75 19.46
CA GLN B 98 17.63 -2.80 20.21
C GLN B 98 19.01 -2.75 19.58
N PRO B 99 19.41 -1.62 18.99
CA PRO B 99 20.75 -1.56 18.37
C PRO B 99 21.82 -1.87 19.40
N SER B 100 22.68 -2.81 19.05
CA SER B 100 23.78 -3.21 19.90
C SER B 100 24.87 -3.86 19.07
N GLY B 101 25.94 -4.26 19.73
CA GLY B 101 27.05 -4.90 19.05
C GLY B 101 26.90 -6.38 18.91
N ASN B 102 25.92 -6.95 19.58
CA ASN B 102 25.72 -8.37 19.49
C ASN B 102 25.09 -8.79 18.22
N PRO B 103 25.29 -10.03 17.94
CA PRO B 103 24.64 -10.63 16.81
C PRO B 103 23.29 -11.03 17.38
N LYS B 104 22.27 -10.78 16.59
CA LYS B 104 20.95 -11.10 17.04
C LYS B 104 20.38 -12.33 16.37
N LYS B 105 19.65 -13.09 17.14
CA LYS B 105 18.86 -14.19 16.64
C LYS B 105 17.40 -13.67 16.48
N ILE B 106 16.58 -14.39 15.75
CA ILE B 106 15.28 -13.88 15.31
C ILE B 106 14.16 -14.73 15.92
N ILE B 107 13.14 -14.05 16.44
CA ILE B 107 11.85 -14.65 16.74
C ILE B 107 10.89 -14.18 15.68
N TRP B 108 10.26 -15.11 14.97
CA TRP B 108 9.26 -14.78 13.96
C TRP B 108 7.87 -15.05 14.51
N MET B 109 6.98 -14.06 14.40
CA MET B 109 5.57 -14.26 14.72
C MET B 109 4.71 -13.70 13.61
N ASP B 110 3.80 -14.52 13.08
CA ASP B 110 2.86 -14.04 12.07
C ASP B 110 1.45 -14.31 12.54
N CYS B 111 0.55 -13.41 12.17
CA CYS B 111 -0.86 -13.53 12.49
C CYS B 111 -1.67 -13.40 11.21
N GLY B 112 -2.91 -13.86 11.25
CA GLY B 112 -3.81 -13.58 10.15
C GLY B 112 -3.55 -14.33 8.86
N ILE B 113 -2.97 -15.53 8.92
CA ILE B 113 -2.87 -16.28 7.67
C ILE B 113 -4.26 -16.76 7.26
N HIS B 114 -5.16 -16.93 8.22
CA HIS B 114 -6.55 -17.29 7.94
C HIS B 114 -7.41 -16.08 8.22
N ALA B 115 -8.14 -15.61 7.22
CA ALA B 115 -8.72 -14.28 7.25
C ALA B 115 -9.70 -14.09 8.42
N ARG B 116 -10.56 -15.08 8.66
CA ARG B 116 -11.61 -14.96 9.65
C ARG B 116 -11.12 -14.98 11.08
N GLU B 117 -9.85 -15.27 11.33
CA GLU B 117 -9.35 -15.46 12.69
C GLU B 117 -8.86 -14.12 13.26
N TRP B 118 -9.84 -13.23 13.49
CA TRP B 118 -9.54 -11.84 13.79
C TRP B 118 -8.77 -11.66 15.09
N ILE B 119 -8.94 -12.56 16.06
CA ILE B 119 -8.21 -12.42 17.31
C ILE B 119 -6.71 -12.51 17.10
N ALA B 120 -6.26 -13.15 16.02
CA ALA B 120 -4.82 -13.30 15.84
C ALA B 120 -4.16 -11.97 15.48
N PRO B 121 -4.61 -11.22 14.46
CA PRO B 121 -4.02 -9.87 14.25
C PRO B 121 -4.19 -8.95 15.44
N ALA B 122 -5.28 -9.07 16.19
CA ALA B 122 -5.40 -8.28 17.42
C ALA B 122 -4.27 -8.63 18.37
N PHE B 123 -3.87 -9.91 18.43
CA PHE B 123 -2.79 -10.26 19.35
C PHE B 123 -1.44 -9.74 18.85
N CYS B 124 -1.17 -9.86 17.54
CA CYS B 124 0.11 -9.34 17.03
C CYS B 124 0.27 -7.86 17.37
N GLN B 125 -0.79 -7.07 17.22
CA GLN B 125 -0.72 -5.66 17.59
C GLN B 125 -0.51 -5.48 19.09
N TRP B 126 -1.21 -6.29 19.89
CA TRP B 126 -1.03 -6.22 21.34
C TRP B 126 0.41 -6.55 21.73
N PHE B 127 0.97 -7.60 21.14
CA PHE B 127 2.35 -7.99 21.43
C PHE B 127 3.31 -6.85 21.13
N VAL B 128 3.17 -6.24 19.97
CA VAL B 128 4.05 -5.16 19.59
C VAL B 128 4.00 -4.01 20.57
N LYS B 129 2.83 -3.58 20.91
CA LYS B 129 2.67 -2.48 21.80
C LYS B 129 3.19 -2.76 23.20
N GLU B 130 3.01 -3.98 23.66
CA GLU B 130 3.50 -4.37 24.97
C GLU B 130 5.01 -4.29 25.03
N ILE B 131 5.70 -4.74 24.02
CA ILE B 131 7.15 -4.68 24.05
C ILE B 131 7.62 -3.25 23.89
N LEU B 132 7.03 -2.51 22.95
CA LEU B 132 7.50 -1.15 22.70
C LEU B 132 7.24 -0.25 23.90
N GLN B 133 6.08 -0.38 24.54
CA GLN B 133 5.79 0.46 25.68
C GLN B 133 6.60 0.10 26.93
N ASN B 134 7.30 -1.04 26.92
CA ASN B 134 8.03 -1.52 28.10
C ASN B 134 9.50 -1.85 27.82
N HIS B 135 10.02 -1.51 26.64
CA HIS B 135 11.31 -2.06 26.24
C HIS B 135 12.49 -1.51 27.03
N LYS B 136 12.32 -0.45 27.82
CA LYS B 136 13.45 0.05 28.61
C LYS B 136 13.29 -0.14 30.11
N ASP B 137 12.06 -0.04 30.65
CA ASP B 137 11.89 -0.15 32.10
C ASP B 137 11.56 -1.55 32.59
N ASN B 138 11.20 -2.47 31.69
CA ASN B 138 10.88 -3.84 32.06
C ASN B 138 12.13 -4.69 31.87
N SER B 139 12.68 -5.22 32.95
CA SER B 139 13.96 -5.91 32.86
C SER B 139 13.86 -7.19 32.05
N ARG B 140 12.72 -7.87 32.12
CA ARG B 140 12.52 -9.09 31.35
C ARG B 140 12.61 -8.81 29.86
N ILE B 141 11.92 -7.76 29.40
CA ILE B 141 11.92 -7.45 27.97
C ILE B 141 13.28 -6.90 27.53
N ARG B 142 13.89 -6.12 28.37
CA ARG B 142 15.19 -5.58 28.05
C ARG B 142 16.19 -6.73 27.87
N LYS B 143 16.17 -7.67 28.78
CA LYS B 143 17.05 -8.83 28.68
C LYS B 143 16.86 -9.55 27.35
N LEU B 144 15.60 -9.80 26.96
CA LEU B 144 15.34 -10.49 25.69
C LEU B 144 15.96 -9.74 24.52
N LEU B 145 15.83 -8.41 24.50
CA LEU B 145 16.28 -7.61 23.37
C LEU B 145 17.80 -7.50 23.28
N ARG B 146 18.53 -7.98 24.28
CA ARG B 146 19.97 -7.99 24.17
C ARG B 146 20.44 -8.94 23.08
N ASN B 147 19.73 -10.02 22.87
CA ASN B 147 20.15 -11.00 21.90
C ASN B 147 19.17 -11.41 20.81
N LEU B 148 17.95 -10.95 20.96
CA LEU B 148 16.91 -11.28 20.02
C LEU B 148 16.26 -10.07 19.35
N ASP B 149 15.97 -10.23 18.07
CA ASP B 149 15.16 -9.29 17.31
C ASP B 149 13.77 -9.97 17.17
N PHE B 150 12.68 -9.23 17.26
CA PHE B 150 11.37 -9.81 17.07
C PHE B 150 10.80 -9.35 15.71
N TYR B 151 10.51 -10.29 14.82
CA TYR B 151 9.89 -9.99 13.53
C TYR B 151 8.42 -10.36 13.64
N VAL B 152 7.53 -9.37 13.53
CA VAL B 152 6.09 -9.53 13.74
C VAL B 152 5.37 -9.13 12.46
N LEU B 153 4.62 -10.06 11.91
CA LEU B 153 3.82 -9.83 10.71
C LEU B 153 2.37 -9.77 11.14
N PRO B 154 1.73 -8.59 11.21
CA PRO B 154 0.42 -8.52 11.86
C PRO B 154 -0.70 -9.16 11.06
N VAL B 155 -0.65 -9.10 9.73
CA VAL B 155 -1.68 -9.68 8.88
C VAL B 155 -1.00 -10.22 7.63
N LEU B 156 -1.06 -11.54 7.42
CA LEU B 156 -0.45 -12.08 6.22
C LEU B 156 -1.43 -12.11 5.06
N ASN B 157 -2.63 -12.63 5.30
CA ASN B 157 -3.64 -12.80 4.26
C ASN B 157 -4.53 -11.56 4.21
N ILE B 158 -3.94 -10.49 3.68
CA ILE B 158 -4.59 -9.18 3.70
C ILE B 158 -5.80 -9.15 2.80
N ASP B 159 -5.71 -9.73 1.60
CA ASP B 159 -6.89 -9.76 0.74
C ASP B 159 -8.06 -10.47 1.42
N GLY B 160 -7.79 -11.61 2.04
CA GLY B 160 -8.85 -12.32 2.74
C GLY B 160 -9.35 -11.55 3.95
N TYR B 161 -8.43 -10.96 4.72
CA TYR B 161 -8.83 -10.18 5.88
C TYR B 161 -9.77 -9.03 5.48
N ILE B 162 -9.45 -8.31 4.39
CA ILE B 162 -10.33 -7.23 3.93
C ILE B 162 -11.68 -7.79 3.54
N TYR B 163 -11.69 -8.93 2.86
CA TYR B 163 -12.93 -9.56 2.42
C TYR B 163 -13.82 -9.93 3.60
N THR B 164 -13.24 -10.35 4.73
CA THR B 164 -14.08 -10.69 5.90
C THR B 164 -14.71 -9.45 6.51
N TRP B 165 -14.10 -8.28 6.35
CA TRP B 165 -14.71 -7.03 6.82
C TRP B 165 -15.76 -6.51 5.86
N THR B 166 -15.57 -6.71 4.56
CA THR B 166 -16.49 -6.13 3.59
C THR B 166 -17.59 -7.07 3.14
N THR B 167 -17.36 -8.38 3.16
CA THR B 167 -18.27 -9.28 2.45
C THR B 167 -18.68 -10.54 3.20
N ASP B 168 -17.72 -11.31 3.74
CA ASP B 168 -18.01 -12.66 4.24
C ASP B 168 -17.14 -12.91 5.46
N ARG B 169 -17.75 -12.80 6.64
CA ARG B 169 -17.02 -12.82 7.92
C ARG B 169 -16.27 -14.13 8.13
N LEU B 170 -16.72 -15.24 7.55
CA LEU B 170 -16.12 -16.54 7.77
C LEU B 170 -15.19 -16.98 6.64
N TRP B 171 -14.88 -16.10 5.71
CA TRP B 171 -13.91 -16.45 4.69
C TRP B 171 -12.57 -16.77 5.34
N ARG B 172 -11.89 -17.81 4.87
CA ARG B 172 -10.57 -18.07 5.42
C ARG B 172 -9.45 -18.08 4.41
N LYS B 173 -9.74 -18.30 3.13
CA LYS B 173 -8.71 -18.42 2.12
C LYS B 173 -8.18 -17.05 1.70
N SER B 174 -7.23 -17.06 0.76
CA SER B 174 -6.83 -15.86 0.05
C SER B 174 -7.92 -15.50 -0.96
N ARG B 175 -7.61 -14.63 -1.92
CA ARG B 175 -8.62 -14.22 -2.89
C ARG B 175 -8.13 -14.39 -4.32
N SER B 176 -7.13 -15.24 -4.55
CA SER B 176 -6.64 -15.46 -5.90
C SER B 176 -7.67 -16.26 -6.70
N PRO B 177 -7.89 -15.91 -7.97
CA PRO B 177 -8.90 -16.62 -8.76
C PRO B 177 -8.34 -17.87 -9.39
N HIS B 178 -9.23 -18.83 -9.56
CA HIS B 178 -8.93 -20.11 -10.15
C HIS B 178 -10.10 -20.57 -11.01
N ASN B 179 -9.79 -21.47 -11.93
CA ASN B 179 -10.74 -22.07 -12.89
C ASN B 179 -11.51 -21.04 -13.66
N ASN B 180 -10.78 -20.19 -14.34
CA ASN B 180 -11.35 -19.09 -15.09
C ASN B 180 -12.25 -18.26 -14.23
N GLY B 181 -11.73 -17.80 -13.10
CA GLY B 181 -12.46 -16.94 -12.18
C GLY B 181 -13.78 -17.43 -11.64
N THR B 182 -13.97 -18.74 -11.63
CA THR B 182 -15.19 -19.32 -11.13
C THR B 182 -15.17 -19.44 -9.62
N CYS B 183 -13.99 -19.53 -9.05
CA CYS B 183 -13.86 -19.54 -7.63
C CYS B 183 -12.60 -18.89 -7.18
N PHE B 184 -12.52 -18.67 -5.89
CA PHE B 184 -11.43 -17.91 -5.37
C PHE B 184 -10.76 -18.44 -4.14
N GLY B 185 -9.47 -18.24 -4.10
CA GLY B 185 -8.74 -18.42 -2.86
C GLY B 185 -8.08 -19.76 -2.62
N THR B 186 -6.91 -19.70 -1.99
CA THR B 186 -6.21 -20.88 -1.51
C THR B 186 -6.11 -20.79 0.01
N ASP B 187 -6.19 -21.95 0.68
CA ASP B 187 -5.86 -22.02 2.11
C ASP B 187 -4.36 -21.87 2.20
N LEU B 188 -3.90 -20.70 2.64
CA LEU B 188 -2.47 -20.42 2.61
C LEU B 188 -1.70 -21.31 3.58
N ASN B 189 -2.35 -21.78 4.64
CA ASN B 189 -1.67 -22.69 5.55
C ASN B 189 -1.74 -24.15 5.11
N ARG B 190 -2.19 -24.40 3.87
CA ARG B 190 -2.00 -25.68 3.21
C ARG B 190 -1.13 -25.53 1.96
N ASN B 191 -0.47 -24.39 1.80
CA ASN B 191 0.22 -24.07 0.55
C ASN B 191 1.74 -24.12 0.68
N PHE B 192 2.27 -24.29 1.88
CA PHE B 192 3.70 -24.35 2.06
C PHE B 192 4.22 -25.74 1.70
N ASN B 193 5.49 -25.85 1.42
CA ASN B 193 6.10 -27.09 0.97
C ASN B 193 6.40 -28.07 2.09
N ALA B 194 5.36 -28.59 2.73
CA ALA B 194 5.54 -29.52 3.84
C ALA B 194 4.61 -30.68 3.61
N SER B 195 5.13 -31.69 2.92
CA SER B 195 4.40 -32.85 2.44
C SER B 195 3.16 -32.37 1.69
N TRP B 196 3.36 -31.44 0.76
CA TRP B 196 2.29 -30.73 0.11
C TRP B 196 1.18 -31.56 -0.46
N CYS B 197 -0.01 -31.22 0.00
CA CYS B 197 -1.25 -31.85 -0.35
C CYS B 197 -1.30 -33.36 -0.20
N SER B 198 -0.53 -33.91 0.70
CA SER B 198 -0.50 -35.37 0.82
C SER B 198 -1.68 -35.92 1.62
N ILE B 199 -2.28 -35.11 2.49
CA ILE B 199 -3.37 -35.57 3.33
C ILE B 199 -4.05 -34.36 3.92
N GLY B 200 -5.34 -34.44 4.12
CA GLY B 200 -6.06 -33.38 4.73
C GLY B 200 -6.08 -32.07 3.99
N ALA B 201 -6.04 -32.13 2.67
CA ALA B 201 -6.08 -30.93 1.85
C ALA B 201 -6.84 -31.25 0.58
N SER B 202 -7.63 -30.33 0.11
CA SER B 202 -8.39 -30.57 -1.09
C SER B 202 -7.72 -30.03 -2.34
N ARG B 203 -7.82 -30.75 -3.43
CA ARG B 203 -7.40 -30.25 -4.73
C ARG B 203 -8.54 -29.58 -5.48
N ASN B 204 -9.68 -29.41 -4.82
CA ASN B 204 -10.84 -28.76 -5.41
C ASN B 204 -10.83 -27.28 -5.01
N CYS B 205 -10.45 -26.42 -5.95
CA CYS B 205 -10.37 -24.98 -5.72
C CYS B 205 -11.61 -24.38 -5.04
N GLN B 206 -12.71 -25.13 -5.05
CA GLN B 206 -13.92 -24.67 -4.46
C GLN B 206 -14.00 -24.89 -2.96
N ASP B 207 -13.19 -25.81 -2.47
CA ASP B 207 -13.21 -26.13 -1.08
C ASP B 207 -12.44 -25.12 -0.21
N GLN B 208 -12.84 -24.99 1.04
CA GLN B 208 -12.19 -24.07 1.92
C GLN B 208 -10.79 -24.53 2.30
N THR B 209 -10.48 -25.78 2.05
CA THR B 209 -9.15 -26.32 2.32
C THR B 209 -8.32 -26.57 1.06
N PHE B 210 -8.66 -25.91 -0.05
CA PHE B 210 -7.89 -26.02 -1.28
C PHE B 210 -6.42 -25.69 -1.02
N CYS B 211 -5.54 -26.61 -1.40
CA CYS B 211 -4.11 -26.53 -1.12
C CYS B 211 -3.35 -25.74 -2.18
N GLY B 212 -4.02 -25.30 -3.25
CA GLY B 212 -3.39 -24.50 -4.29
C GLY B 212 -3.07 -25.32 -5.52
N THR B 213 -2.56 -24.63 -6.55
CA THR B 213 -2.21 -25.32 -7.79
C THR B 213 -0.89 -26.06 -7.68
N GLY B 214 -0.06 -25.72 -6.69
CA GLY B 214 1.18 -26.40 -6.43
C GLY B 214 1.77 -25.86 -5.16
N PRO B 215 2.88 -26.43 -4.70
CA PRO B 215 3.51 -25.90 -3.49
C PRO B 215 4.01 -24.48 -3.70
N VAL B 216 3.78 -23.64 -2.69
CA VAL B 216 4.23 -22.25 -2.66
C VAL B 216 3.76 -21.53 -3.92
N SER B 217 2.53 -21.79 -4.33
CA SER B 217 2.00 -21.23 -5.58
C SER B 217 1.48 -19.81 -5.40
N GLU B 218 1.02 -19.45 -4.24
CA GLU B 218 0.46 -18.13 -4.03
C GLU B 218 1.49 -17.05 -3.70
N PRO B 219 1.23 -15.82 -4.09
CA PRO B 219 2.21 -14.77 -3.80
C PRO B 219 2.42 -14.53 -2.31
N GLU B 220 1.39 -14.68 -1.47
CA GLU B 220 1.61 -14.51 -0.04
C GLU B 220 2.53 -15.59 0.51
N THR B 221 2.33 -16.84 0.07
CA THR B 221 3.20 -17.94 0.49
C THR B 221 4.63 -17.73 0.02
N LYS B 222 4.79 -17.33 -1.25
CA LYS B 222 6.12 -17.04 -1.78
C LYS B 222 6.85 -15.99 -0.96
N ALA B 223 6.16 -14.92 -0.58
CA ALA B 223 6.82 -13.86 0.16
C ALA B 223 7.32 -14.35 1.50
N VAL B 224 6.49 -15.12 2.22
CA VAL B 224 6.89 -15.62 3.52
C VAL B 224 8.01 -16.64 3.37
N ALA B 225 7.83 -17.59 2.46
CA ALA B 225 8.77 -18.71 2.40
C ALA B 225 10.15 -18.26 1.93
N SER B 226 10.20 -17.36 0.93
CA SER B 226 11.51 -16.94 0.43
C SER B 226 12.22 -16.07 1.45
N PHE B 227 11.48 -15.29 2.23
CA PHE B 227 12.12 -14.52 3.30
C PHE B 227 12.64 -15.41 4.41
N ILE B 228 11.77 -16.27 4.95
CA ILE B 228 12.17 -17.19 6.01
C ILE B 228 13.35 -18.04 5.56
N GLU B 229 13.30 -18.56 4.34
CA GLU B 229 14.43 -19.31 3.79
C GLU B 229 15.72 -18.50 3.88
N SER B 230 15.65 -17.23 3.50
CA SER B 230 16.84 -16.39 3.49
C SER B 230 17.39 -16.13 4.88
N LYS B 231 16.58 -16.31 5.92
CA LYS B 231 16.96 -16.00 7.29
C LYS B 231 17.05 -17.23 8.19
N LYS B 232 17.01 -18.44 7.63
CA LYS B 232 16.76 -19.61 8.46
C LYS B 232 17.88 -19.89 9.46
N ASP B 233 19.13 -19.53 9.13
CA ASP B 233 20.22 -19.74 10.08
C ASP B 233 20.04 -18.92 11.34
N ASP B 234 19.31 -17.80 11.27
CA ASP B 234 19.18 -16.87 12.37
C ASP B 234 17.90 -17.02 13.18
N ILE B 235 16.90 -17.74 12.66
CA ILE B 235 15.59 -17.81 13.32
C ILE B 235 15.59 -18.95 14.33
N LEU B 236 15.38 -18.61 15.61
CA LEU B 236 15.28 -19.60 16.67
C LEU B 236 13.87 -20.12 16.83
N CYS B 237 12.88 -19.28 16.59
CA CYS B 237 11.52 -19.67 16.95
C CYS B 237 10.56 -19.09 15.93
N PHE B 238 9.62 -19.91 15.51
CA PHE B 238 8.64 -19.58 14.49
C PHE B 238 7.26 -19.78 15.12
N LEU B 239 6.52 -18.70 15.30
CA LEU B 239 5.20 -18.74 15.86
C LEU B 239 4.15 -18.27 14.85
N THR B 240 3.12 -19.07 14.62
CA THR B 240 2.00 -18.73 13.74
C THR B 240 0.78 -18.66 14.64
N MET B 241 0.09 -17.54 14.64
CA MET B 241 -1.06 -17.33 15.48
C MET B 241 -2.38 -17.57 14.73
N HIS B 242 -3.27 -18.30 15.36
CA HIS B 242 -4.51 -18.74 14.74
C HIS B 242 -5.61 -18.70 15.79
N SER B 243 -6.83 -19.06 15.37
CA SER B 243 -7.90 -19.42 16.29
C SER B 243 -8.83 -20.41 15.55
N TYR B 244 -9.72 -21.15 16.23
CA TYR B 244 -9.84 -21.16 17.68
C TYR B 244 -9.54 -22.57 18.19
N GLY B 245 -9.48 -22.75 19.49
CA GLY B 245 -9.36 -24.08 20.03
C GLY B 245 -8.54 -24.21 21.29
N GLN B 246 -7.74 -23.17 21.60
CA GLN B 246 -6.91 -23.14 22.81
C GLN B 246 -5.93 -24.31 22.82
N LEU B 247 -5.05 -24.27 21.84
CA LEU B 247 -4.02 -25.29 21.63
C LEU B 247 -2.68 -24.61 21.37
N ILE B 248 -1.62 -25.28 21.80
CA ILE B 248 -0.26 -24.97 21.36
C ILE B 248 0.25 -26.20 20.66
N LEU B 249 0.44 -26.12 19.35
CA LEU B 249 0.71 -27.29 18.53
C LEU B 249 2.13 -27.28 18.01
N THR B 250 2.80 -28.42 18.09
CA THR B 250 4.12 -28.65 17.53
C THR B 250 3.97 -29.35 16.18
N PRO B 251 5.07 -29.49 15.44
CA PRO B 251 5.03 -30.42 14.30
C PRO B 251 4.75 -31.86 14.79
N TYR B 252 4.18 -32.73 13.95
CA TYR B 252 3.78 -32.44 12.58
C TYR B 252 2.29 -32.64 12.41
N GLY B 253 1.75 -32.10 11.33
CA GLY B 253 0.37 -32.34 10.98
C GLY B 253 0.19 -33.54 10.06
N TYR B 254 1.18 -33.86 9.23
CA TYR B 254 0.98 -34.88 8.20
C TYR B 254 1.50 -36.25 8.61
N THR B 255 2.17 -36.36 9.74
CA THR B 255 2.63 -37.64 10.27
C THR B 255 2.57 -37.57 11.79
N LYS B 256 2.43 -38.73 12.41
CA LYS B 256 2.54 -38.79 13.86
C LYS B 256 3.97 -38.95 14.33
N ASN B 257 4.92 -39.15 13.40
CA ASN B 257 6.33 -39.04 13.73
C ASN B 257 6.60 -37.70 14.40
N LYS B 258 7.58 -37.69 15.30
CA LYS B 258 7.95 -36.50 16.03
C LYS B 258 9.27 -35.95 15.50
N SER B 259 9.48 -34.65 15.70
CA SER B 259 10.78 -34.07 15.40
C SER B 259 11.81 -34.55 16.43
N SER B 260 13.09 -34.35 16.10
CA SER B 260 14.17 -34.85 16.94
C SER B 260 14.24 -34.13 18.29
N ASN B 261 13.73 -32.91 18.39
CA ASN B 261 13.73 -32.22 19.67
C ASN B 261 12.33 -32.09 20.26
N HIS B 262 11.42 -33.00 19.92
CA HIS B 262 10.06 -32.92 20.45
C HIS B 262 9.99 -32.79 21.97
N PRO B 263 10.77 -33.55 22.78
CA PRO B 263 10.65 -33.36 24.24
C PRO B 263 10.90 -31.93 24.67
N GLU B 264 11.86 -31.30 24.01
CA GLU B 264 12.20 -29.90 24.29
C GLU B 264 11.02 -29.00 23.90
N MET B 265 10.43 -29.26 22.73
CA MET B 265 9.29 -28.48 22.26
C MET B 265 8.12 -28.56 23.23
N ILE B 266 7.83 -29.74 23.78
CA ILE B 266 6.65 -29.76 24.62
C ILE B 266 6.96 -29.30 26.03
N GLN B 267 8.22 -29.37 26.47
CA GLN B 267 8.55 -28.75 27.75
C GLN B 267 8.35 -27.24 27.68
N VAL B 268 8.83 -26.61 26.62
CA VAL B 268 8.62 -25.19 26.44
C VAL B 268 7.13 -24.89 26.24
N GLY B 269 6.48 -25.70 25.39
CA GLY B 269 5.06 -25.48 25.13
C GLY B 269 4.22 -25.62 26.38
N GLN B 270 4.49 -26.66 27.19
CA GLN B 270 3.65 -26.87 28.37
C GLN B 270 3.89 -25.79 29.42
N LYS B 271 5.14 -25.34 29.58
CA LYS B 271 5.38 -24.25 30.50
C LYS B 271 4.65 -22.97 30.06
N ALA B 272 4.62 -22.70 28.74
CA ALA B 272 3.89 -21.54 28.25
C ALA B 272 2.39 -21.68 28.48
N ALA B 273 1.86 -22.88 28.30
CA ALA B 273 0.44 -23.11 28.57
C ALA B 273 0.13 -22.93 30.05
N ASN B 274 1.06 -23.35 30.92
CA ASN B 274 0.83 -23.16 32.34
C ASN B 274 0.85 -21.68 32.72
N ALA B 275 1.76 -20.90 32.12
CA ALA B 275 1.79 -19.47 32.37
C ALA B 275 0.51 -18.79 31.87
N LEU B 276 0.02 -19.22 30.71
CA LEU B 276 -1.23 -18.68 30.19
C LEU B 276 -2.38 -18.96 31.16
N LYS B 277 -2.46 -20.21 31.63
CA LYS B 277 -3.55 -20.61 32.51
C LYS B 277 -3.53 -19.86 33.84
N ALA B 278 -2.34 -19.54 34.34
CA ALA B 278 -2.23 -18.90 35.65
C ALA B 278 -2.91 -17.53 35.67
N LYS B 279 -3.07 -16.89 34.50
CA LYS B 279 -3.68 -15.56 34.48
C LYS B 279 -5.16 -15.65 34.83
N TYR B 280 -5.97 -16.29 33.98
CA TYR B 280 -7.41 -16.29 34.16
C TYR B 280 -8.03 -17.69 34.24
N GLY B 281 -7.23 -18.74 34.25
CA GLY B 281 -7.76 -20.09 34.30
C GLY B 281 -8.03 -20.74 32.96
N THR B 282 -7.65 -20.10 31.85
CA THR B 282 -7.93 -20.65 30.54
C THR B 282 -7.09 -21.89 30.27
N ASN B 283 -7.73 -22.98 29.86
CA ASN B 283 -7.09 -24.27 29.66
C ASN B 283 -6.61 -24.41 28.21
N TYR B 284 -5.32 -24.69 28.04
CA TYR B 284 -4.75 -25.00 26.73
C TYR B 284 -4.23 -26.44 26.71
N ARG B 285 -4.31 -27.07 25.55
CA ARG B 285 -3.73 -28.39 25.33
C ARG B 285 -2.50 -28.25 24.43
N VAL B 286 -1.44 -29.00 24.76
CA VAL B 286 -0.14 -28.96 24.09
C VAL B 286 0.14 -30.31 23.45
N GLY B 287 0.55 -30.31 22.19
CA GLY B 287 0.99 -31.53 21.55
C GLY B 287 1.25 -31.31 20.06
N SER B 288 1.57 -32.39 19.36
CA SER B 288 1.67 -32.29 17.91
C SER B 288 0.29 -32.20 17.28
N SER B 289 0.18 -31.50 16.14
CA SER B 289 -1.13 -31.36 15.50
C SER B 289 -1.73 -32.70 15.15
N ALA B 290 -0.91 -33.64 14.66
CA ALA B 290 -1.44 -34.93 14.21
C ALA B 290 -1.99 -35.77 15.36
N ASP B 291 -1.54 -35.53 16.59
CA ASP B 291 -2.10 -36.24 17.74
C ASP B 291 -3.37 -35.59 18.26
N ILE B 292 -3.58 -34.31 18.00
CA ILE B 292 -4.73 -33.58 18.53
C ILE B 292 -5.81 -33.37 17.47
N LEU B 293 -5.43 -33.08 16.24
CA LEU B 293 -6.39 -32.76 15.18
C LEU B 293 -6.30 -33.82 14.09
N TYR B 294 -7.20 -33.71 13.13
CA TYR B 294 -7.16 -34.58 11.97
C TYR B 294 -5.88 -34.23 11.17
N ALA B 295 -5.37 -35.19 10.44
CA ALA B 295 -4.12 -34.99 9.71
C ALA B 295 -4.31 -33.92 8.64
N SER B 296 -3.25 -33.17 8.38
CA SER B 296 -3.25 -32.15 7.35
C SER B 296 -1.81 -31.88 6.94
N SER B 297 -1.65 -31.22 5.81
CA SER B 297 -0.33 -30.95 5.25
C SER B 297 -0.26 -29.50 4.79
N GLY B 298 0.96 -29.08 4.46
CA GLY B 298 1.21 -27.80 3.85
C GLY B 298 1.34 -26.63 4.81
N SER B 299 1.51 -26.89 6.11
CA SER B 299 1.53 -25.80 7.06
C SER B 299 2.91 -25.15 7.11
N SER B 300 2.91 -23.85 7.40
CA SER B 300 4.18 -23.16 7.55
C SER B 300 4.92 -23.62 8.80
N ARG B 301 4.19 -24.00 9.85
CA ARG B 301 4.83 -24.51 11.07
C ARG B 301 5.68 -25.73 10.76
N ASP B 302 5.14 -26.69 9.99
CA ASP B 302 5.90 -27.89 9.68
C ASP B 302 7.01 -27.57 8.69
N TRP B 303 6.73 -26.71 7.71
CA TRP B 303 7.77 -26.31 6.76
C TRP B 303 8.95 -25.68 7.48
N ALA B 304 8.68 -24.78 8.44
CA ALA B 304 9.74 -24.08 9.14
C ALA B 304 10.62 -25.05 9.94
N ARG B 305 10.00 -26.03 10.60
CA ARG B 305 10.80 -27.03 11.33
C ARG B 305 11.69 -27.81 10.39
N ASP B 306 11.16 -28.22 9.23
CA ASP B 306 11.90 -29.07 8.31
C ASP B 306 13.06 -28.35 7.64
N ILE B 307 13.04 -27.01 7.57
CA ILE B 307 14.21 -26.31 7.05
C ILE B 307 15.22 -26.03 8.15
N GLY B 308 14.93 -26.38 9.40
CA GLY B 308 15.93 -26.34 10.45
C GLY B 308 15.63 -25.42 11.61
N ILE B 309 14.52 -24.69 11.63
CA ILE B 309 14.20 -23.82 12.75
C ILE B 309 13.77 -24.67 13.95
N PRO B 310 14.48 -24.61 15.07
CA PRO B 310 14.28 -25.62 16.12
C PRO B 310 12.93 -25.53 16.82
N PHE B 311 12.39 -24.34 17.02
CA PHE B 311 11.10 -24.18 17.71
C PHE B 311 10.06 -23.62 16.73
N SER B 312 8.99 -24.37 16.53
CA SER B 312 7.96 -24.00 15.58
C SER B 312 6.61 -24.37 16.18
N TYR B 313 5.78 -23.38 16.45
CA TYR B 313 4.51 -23.60 17.10
C TYR B 313 3.38 -22.94 16.35
N THR B 314 2.23 -23.60 16.35
CA THR B 314 0.97 -22.97 16.02
C THR B 314 0.23 -22.71 17.32
N PHE B 315 -0.14 -21.45 17.56
CA PHE B 315 -1.03 -21.10 18.66
C PHE B 315 -2.46 -21.01 18.12
N GLU B 316 -3.39 -21.77 18.71
CA GLU B 316 -4.81 -21.60 18.42
C GLU B 316 -5.42 -20.89 19.62
N LEU B 317 -5.81 -19.63 19.45
CA LEU B 317 -6.22 -18.80 20.58
C LEU B 317 -7.67 -19.12 20.96
N ARG B 318 -8.26 -18.29 21.81
CA ARG B 318 -9.65 -18.47 22.28
C ARG B 318 -10.65 -18.45 21.11
N ASP B 319 -11.82 -19.07 21.26
CA ASP B 319 -12.20 -19.81 22.47
C ASP B 319 -12.19 -21.31 22.18
N SER B 320 -13.11 -22.06 22.81
CA SER B 320 -13.25 -23.49 22.56
C SER B 320 -14.53 -23.83 21.80
N GLY B 321 -15.17 -22.83 21.19
CA GLY B 321 -16.28 -23.16 20.33
C GLY B 321 -17.59 -22.43 20.59
N THR B 322 -17.72 -21.76 21.74
CA THR B 322 -18.94 -21.01 22.00
C THR B 322 -19.17 -19.95 20.94
N TYR B 323 -18.17 -19.09 20.71
CA TYR B 323 -18.22 -18.08 19.68
C TYR B 323 -17.35 -18.39 18.47
N GLY B 324 -16.40 -19.30 18.62
CA GLY B 324 -15.63 -19.73 17.46
C GLY B 324 -14.76 -18.62 16.91
N PHE B 325 -14.86 -18.39 15.61
CA PHE B 325 -14.10 -17.34 14.95
C PHE B 325 -14.59 -15.94 15.27
N VAL B 326 -15.87 -15.79 15.62
CA VAL B 326 -16.43 -14.48 15.91
C VAL B 326 -16.36 -14.22 17.42
N LEU B 327 -15.14 -14.10 17.94
CA LEU B 327 -14.95 -13.86 19.36
C LEU B 327 -15.39 -12.45 19.71
N PRO B 328 -16.20 -12.26 20.76
CA PRO B 328 -16.65 -10.90 21.09
C PRO B 328 -15.48 -10.02 21.49
N GLU B 329 -15.63 -8.71 21.23
CA GLU B 329 -14.53 -7.78 21.50
C GLU B 329 -14.24 -7.67 23.00
N ALA B 330 -15.24 -7.96 23.84
CA ALA B 330 -14.99 -8.03 25.28
C ALA B 330 -13.91 -9.04 25.63
N GLN B 331 -13.69 -10.07 24.82
CA GLN B 331 -12.65 -11.05 25.14
C GLN B 331 -11.31 -10.72 24.52
N ILE B 332 -11.19 -9.65 23.73
CA ILE B 332 -9.88 -9.34 23.14
C ILE B 332 -8.85 -9.08 24.23
N GLN B 333 -9.16 -8.18 25.15
CA GLN B 333 -8.15 -7.79 26.14
C GLN B 333 -7.70 -8.95 27.02
N PRO B 334 -8.59 -9.71 27.69
CA PRO B 334 -8.10 -10.85 28.46
C PRO B 334 -7.41 -11.93 27.64
N THR B 335 -7.88 -12.19 26.41
CA THR B 335 -7.17 -13.13 25.55
C THR B 335 -5.74 -12.67 25.29
N CYS B 336 -5.56 -11.39 24.97
CA CYS B 336 -4.22 -10.91 24.66
C CYS B 336 -3.34 -10.90 25.90
N GLU B 337 -3.89 -10.56 27.07
CA GLU B 337 -3.09 -10.51 28.28
C GLU B 337 -2.58 -11.90 28.67
N GLU B 338 -3.43 -12.93 28.57
CA GLU B 338 -2.98 -14.27 28.92
C GLU B 338 -2.03 -14.82 27.87
N THR B 339 -2.30 -14.52 26.59
CA THR B 339 -1.44 -15.04 25.53
C THR B 339 -0.05 -14.41 25.61
N MET B 340 0.01 -13.15 26.03
CA MET B 340 1.28 -12.47 26.27
C MET B 340 2.14 -13.23 27.27
N GLU B 341 1.52 -13.76 28.33
CA GLU B 341 2.27 -14.56 29.30
C GLU B 341 2.83 -15.83 28.66
N ALA B 342 2.09 -16.44 27.75
CA ALA B 342 2.57 -17.66 27.11
C ALA B 342 3.72 -17.36 26.16
N VAL B 343 3.59 -16.30 25.36
CA VAL B 343 4.62 -15.97 24.39
C VAL B 343 5.90 -15.60 25.11
N LEU B 344 5.81 -14.79 26.17
CA LEU B 344 7.01 -14.40 26.90
C LEU B 344 7.66 -15.60 27.59
N SER B 345 6.86 -16.58 28.02
CA SER B 345 7.41 -17.82 28.55
C SER B 345 8.24 -18.53 27.50
N VAL B 346 7.69 -18.66 26.28
CA VAL B 346 8.46 -19.28 25.20
C VAL B 346 9.75 -18.50 24.95
N LEU B 347 9.65 -17.16 24.90
CA LEU B 347 10.85 -16.37 24.59
C LEU B 347 11.92 -16.53 25.66
N ASP B 348 11.54 -16.51 26.94
CA ASP B 348 12.50 -16.76 28.02
C ASP B 348 13.22 -18.09 27.82
N ASP B 349 12.47 -19.16 27.53
CA ASP B 349 13.06 -20.49 27.42
C ASP B 349 13.96 -20.58 26.20
N VAL B 350 13.54 -20.00 25.09
CA VAL B 350 14.35 -20.00 23.88
C VAL B 350 15.61 -19.18 24.11
N TYR B 351 15.50 -18.09 24.85
CA TYR B 351 16.65 -17.25 25.17
C TYR B 351 17.68 -18.04 25.98
N ALA B 352 17.21 -18.80 26.97
CA ALA B 352 18.10 -19.52 27.89
C ALA B 352 18.90 -20.62 27.20
N LYS B 353 18.51 -20.95 25.97
CA LYS B 353 19.21 -21.97 25.20
C LYS B 353 20.42 -21.41 24.45
N HIS B 354 20.73 -20.13 24.64
CA HIS B 354 21.88 -19.56 23.95
C HIS B 354 22.62 -18.53 24.75
N TRP B 355 21.98 -17.83 25.68
CA TRP B 355 22.65 -16.84 26.51
C TRP B 355 22.18 -16.95 27.94
N PHE C 1 -30.00 -11.93 -17.01
CA PHE C 1 -29.86 -10.50 -17.21
C PHE C 1 -29.71 -10.08 -18.66
N HIS C 2 -30.28 -8.94 -18.96
CA HIS C 2 -30.22 -8.45 -20.28
C HIS C 2 -29.12 -7.45 -20.29
N VAL C 3 -28.01 -7.85 -20.84
CA VAL C 3 -26.89 -6.98 -20.97
C VAL C 3 -27.21 -6.04 -22.10
N PRO C 4 -27.10 -4.75 -21.92
CA PRO C 4 -27.39 -3.82 -23.01
C PRO C 4 -26.46 -4.06 -24.19
N ASP C 5 -26.98 -3.84 -25.39
CA ASP C 5 -26.18 -3.97 -26.60
C ASP C 5 -25.15 -2.85 -26.67
N ASP C 6 -23.99 -3.16 -27.25
CA ASP C 6 -23.04 -2.12 -27.59
C ASP C 6 -23.61 -1.18 -28.64
N ARG C 7 -23.25 0.10 -28.57
CA ARG C 7 -23.82 1.10 -29.46
C ARG C 7 -22.93 2.34 -29.43
N PRO C 8 -23.09 3.25 -30.40
CA PRO C 8 -22.40 4.54 -30.29
C PRO C 8 -22.82 5.26 -29.03
N CYS C 9 -21.88 5.99 -28.43
CA CYS C 9 -22.18 6.82 -27.28
C CYS C 9 -23.22 7.86 -27.67
N ILE C 10 -24.09 8.21 -26.76
CA ILE C 10 -25.08 9.24 -27.01
C ILE C 10 -24.52 10.54 -26.46
N ASN C 11 -24.47 11.59 -27.26
CA ASN C 11 -23.92 12.88 -26.85
C ASN C 11 -22.58 12.74 -26.11
N PRO C 12 -21.62 12.16 -26.76
CA PRO C 12 -20.33 11.89 -26.16
C PRO C 12 -19.42 13.06 -25.89
N GLY C 13 -19.70 14.22 -26.42
CA GLY C 13 -18.79 15.33 -26.22
C GLY C 13 -17.54 15.18 -27.06
N ARG C 14 -16.55 16.01 -26.76
CA ARG C 14 -15.30 16.07 -27.51
C ARG C 14 -14.33 14.98 -27.06
N CYS C 15 -13.35 14.67 -27.92
CA CYS C 15 -12.19 13.86 -27.55
C CYS C 15 -10.99 14.76 -27.81
N PRO C 16 -10.60 15.59 -26.84
CA PRO C 16 -9.64 16.67 -27.16
C PRO C 16 -8.31 16.19 -27.68
N LEU C 17 -7.75 15.09 -27.18
CA LEU C 17 -6.43 14.67 -27.66
C LEU C 17 -6.49 14.01 -29.02
N VAL C 18 -7.64 13.46 -29.41
CA VAL C 18 -7.82 12.78 -30.69
C VAL C 18 -9.17 13.23 -31.24
N PRO C 19 -9.25 14.42 -31.85
CA PRO C 19 -10.57 15.04 -32.10
C PRO C 19 -11.53 14.21 -32.95
N ASP C 20 -11.03 13.32 -33.80
CA ASP C 20 -11.90 12.56 -34.68
C ASP C 20 -12.13 11.13 -34.20
N ALA C 21 -11.79 10.82 -32.95
CA ALA C 21 -12.03 9.46 -32.44
C ALA C 21 -13.53 9.19 -32.31
N THR C 22 -13.86 7.90 -32.22
CA THR C 22 -15.23 7.40 -32.12
C THR C 22 -15.48 6.87 -30.72
N CYS C 23 -16.60 7.26 -30.13
CA CYS C 23 -16.97 6.79 -28.80
C CYS C 23 -18.01 5.69 -28.91
N THR C 24 -17.73 4.55 -28.27
CA THR C 24 -18.64 3.41 -28.24
C THR C 24 -19.03 3.09 -26.79
N PHE C 25 -20.33 2.84 -26.60
CA PHE C 25 -20.84 2.33 -25.34
C PHE C 25 -20.68 0.81 -25.34
N VAL C 26 -19.89 0.29 -24.40
CA VAL C 26 -19.53 -1.12 -24.38
C VAL C 26 -19.93 -1.71 -23.03
N CYS C 27 -20.72 -2.79 -23.03
CA CYS C 27 -21.10 -3.50 -21.82
C CYS C 27 -20.71 -4.97 -21.90
N LYS C 28 -20.39 -5.53 -20.75
CA LYS C 28 -20.08 -6.94 -20.63
C LYS C 28 -20.75 -7.52 -19.41
N ALA C 29 -21.05 -8.80 -19.47
CA ALA C 29 -21.58 -9.50 -18.32
C ALA C 29 -20.64 -9.39 -17.13
N ALA C 30 -21.22 -9.38 -15.93
CA ALA C 30 -20.48 -9.16 -14.71
C ALA C 30 -21.29 -9.73 -13.56
N ASP C 31 -20.59 -10.04 -12.46
CA ASP C 31 -21.24 -10.61 -11.28
C ASP C 31 -21.60 -9.49 -10.32
N ASN C 32 -22.75 -8.87 -10.59
CA ASN C 32 -23.27 -7.82 -9.72
C ASN C 32 -24.80 -7.90 -9.75
N ASP C 33 -25.44 -6.93 -9.09
CA ASP C 33 -26.90 -6.97 -8.92
C ASP C 33 -27.65 -6.97 -10.24
N PHE C 34 -27.09 -6.35 -11.28
CA PHE C 34 -27.77 -6.21 -12.55
C PHE C 34 -27.17 -7.05 -13.68
N GLY C 35 -26.01 -7.65 -13.47
CA GLY C 35 -25.49 -8.62 -14.39
C GLY C 35 -24.54 -8.08 -15.45
N TYR C 36 -24.14 -6.84 -15.35
CA TYR C 36 -23.26 -6.27 -16.35
C TYR C 36 -22.51 -5.06 -15.86
N GLU C 37 -21.58 -4.63 -16.68
CA GLU C 37 -20.75 -3.51 -16.41
C GLU C 37 -20.53 -2.79 -17.75
N CYS C 38 -20.63 -1.47 -17.73
CA CYS C 38 -20.51 -0.64 -18.90
C CYS C 38 -19.45 0.44 -18.87
N GLN C 39 -18.95 0.81 -20.02
CA GLN C 39 -18.05 1.96 -20.08
C GLN C 39 -18.05 2.53 -21.48
N HIS C 40 -17.54 3.75 -21.59
CA HIS C 40 -17.31 4.38 -22.89
C HIS C 40 -15.89 4.09 -23.35
N VAL C 41 -15.76 3.67 -24.61
CA VAL C 41 -14.47 3.33 -25.21
C VAL C 41 -14.28 4.22 -26.42
N TRP C 42 -13.12 4.87 -26.51
CA TRP C 42 -12.81 5.73 -27.64
C TRP C 42 -11.78 5.04 -28.53
N THR C 43 -12.01 5.07 -29.83
CA THR C 43 -11.15 4.41 -30.81
C THR C 43 -10.88 5.35 -31.96
N PHE C 44 -9.69 5.22 -32.53
CA PHE C 44 -9.34 5.95 -33.74
C PHE C 44 -8.45 5.06 -34.60
N GLU C 45 -8.82 4.89 -35.84
CA GLU C 45 -8.07 4.07 -36.77
C GLU C 45 -7.78 2.72 -36.19
N GLY C 46 -8.78 2.08 -35.63
CA GLY C 46 -8.64 0.75 -35.09
C GLY C 46 -7.92 0.54 -33.78
N GLN C 47 -7.68 1.60 -33.05
CA GLN C 47 -7.00 1.49 -31.80
C GLN C 47 -7.71 2.28 -30.75
N ARG C 48 -7.72 1.76 -29.54
CA ARG C 48 -8.29 2.48 -28.45
C ARG C 48 -7.37 3.63 -28.12
N VAL C 49 -7.94 4.77 -27.79
CA VAL C 49 -7.15 5.92 -27.43
C VAL C 49 -7.71 6.66 -26.22
N GLY C 50 -6.87 7.42 -25.56
CA GLY C 50 -7.32 8.31 -24.51
C GLY C 50 -7.62 9.70 -25.04
N CYS C 51 -8.60 10.35 -24.43
CA CYS C 51 -9.06 11.67 -24.87
C CYS C 51 -8.58 12.82 -23.99
N TYR C 52 -8.32 12.56 -22.72
CA TYR C 52 -7.99 13.58 -21.75
C TYR C 52 -6.64 13.30 -21.14
N ALA C 53 -5.90 14.35 -20.80
CA ALA C 53 -4.56 14.20 -20.27
C ALA C 53 -4.54 14.29 -18.75
ZN ZN D . -3.86 13.48 -16.24
C1 NAG E . -28.59 -1.27 -5.64
C2 NAG E . -29.63 -2.27 -5.14
C3 NAG E . -30.53 -1.61 -4.11
C4 NAG E . -29.69 -1.08 -2.95
C5 NAG E . -28.61 -0.14 -3.47
C6 NAG E . -27.61 0.22 -2.39
C7 NAG E . -30.44 -4.09 -6.56
C8 NAG E . -31.33 -4.47 -7.71
N2 NAG E . -30.43 -2.80 -6.23
O3 NAG E . -31.48 -2.57 -3.63
O4 NAG E . -30.52 -0.36 -2.03
O5 NAG E . -27.85 -0.75 -4.52
O6 NAG E . -27.24 1.59 -2.47
O7 NAG E . -29.76 -4.92 -5.98
C1 NAG F . -14.44 36.24 -13.43
C2 NAG F . -15.47 35.58 -12.53
C3 NAG F . -16.67 36.49 -12.32
C4 NAG F . -16.22 37.85 -11.80
C5 NAG F . -15.16 38.44 -12.74
C6 NAG F . -14.57 39.73 -12.22
C7 NAG F . -15.78 33.14 -12.41
C8 NAG F . -16.28 31.92 -13.13
N2 NAG F . -15.90 34.29 -13.07
O3 NAG F . -17.56 35.89 -11.38
O4 NAG F . -17.31 38.74 -11.70
O5 NAG F . -14.08 37.52 -12.89
O6 NAG F . -13.51 40.18 -13.06
O7 NAG F . -15.28 33.09 -11.29
C1 NAG G . -17.06 22.86 -0.95
C2 NAG G . -17.59 22.26 0.33
C3 NAG G . -18.66 23.18 0.94
C4 NAG G . -17.94 24.48 1.27
C5 NAG G . -17.21 25.05 0.08
C6 NAG G . -16.30 26.09 0.70
C7 NAG G . -17.37 19.89 0.47
C8 NAG G . -18.05 18.58 0.24
N2 NAG G . -18.07 20.93 0.11
O3 NAG G . -19.13 22.57 2.12
O4 NAG G . -18.77 25.50 1.85
O5 NAG G . -16.41 24.06 -0.60
O6 NAG G . -15.82 27.08 -0.20
O7 NAG G . -16.28 19.98 0.95
ZN ZN H . -6.04 -20.69 11.26
C1 NAG I . 9.40 -28.73 -2.41
C2 NAG I . 10.10 -28.07 -3.62
C3 NAG I . 10.74 -29.13 -4.52
C4 NAG I . 11.63 -30.07 -3.72
C5 NAG I . 10.87 -30.66 -2.54
C6 NAG I . 11.75 -31.49 -1.63
C7 NAG I . 9.08 -25.93 -4.26
C8 NAG I . 8.08 -25.25 -5.16
N2 NAG I . 9.18 -27.26 -4.39
O3 NAG I . 11.52 -28.49 -5.52
O4 NAG I . 12.09 -31.12 -4.56
O5 NAG I . 10.32 -29.60 -1.73
O6 NAG I . 11.00 -32.23 -0.68
O7 NAG I . 9.76 -25.30 -3.46
C1 NAG J . 8.61 -42.08 10.52
C2 NAG J . 8.75 -42.05 8.99
C3 NAG J . 9.05 -43.46 8.47
C4 NAG J . 10.27 -44.03 9.18
C5 NAG J . 10.07 -43.99 10.69
C6 NAG J . 11.28 -44.48 11.46
C7 NAG J . 7.47 -40.22 7.96
C8 NAG J . 6.19 -39.83 7.29
N2 NAG J . 7.56 -41.51 8.35
O3 NAG J . 9.27 -43.42 7.06
O4 NAG J . 10.52 -45.37 8.75
O5 NAG J . 9.81 -42.64 11.10
O6 NAG J . 11.31 -43.99 12.79
O7 NAG J . 8.37 -39.41 8.17
#